data_4QPE
#
_entry.id   4QPE
#
_cell.length_a   224.495
_cell.length_b   224.495
_cell.length_c   57.951
_cell.angle_alpha   90.00
_cell.angle_beta   90.00
_cell.angle_gamma   120.00
#
_symmetry.space_group_name_H-M   'H 3'
#
loop_
_entity.id
_entity.type
_entity.pdbx_description
1 polymer 'Aminopeptidase N'
2 non-polymer '[(1R)-1-amino-2-(cyclohexylamino)ethyl]phosphonic acid'
3 non-polymer 'ZINC ION'
4 non-polymer 'SULFATE ION'
5 water water
#
_entity_poly.entity_id   1
_entity_poly.type   'polypeptide(L)'
_entity_poly.pdbx_seq_one_letter_code
;SNA(MSE)SKTVHYLKDYQTPAYHILKTDLHFDINEPQTVVKSRLTVEPQRVGEPLVLDGSAKLLSVKINGAAADYVLEG
ETLTIAGVPSERFTVEVETEILPAENKSL(MSE)GLYASGGNLFTQCEPEGFRKITFYIDRPDV(MSE)SKFTTTIVADK
KRYPVLLSNGNKIDGGEFSDGRHWVKWEDPFSKPSYLFALVAGDLAVTEDYFTT(MSE)SGRNVKIEFYTTEADKPKVGF
AVESLKNA(MSE)KWDETRFGLEYDLDIF(MSE)VVAVGDFN(MSE)GA(MSE)ENKGLNIFNTKFVLADSRTATDTDFE
GIESVVGHEYFHNWTGNRVTCRDWFQLSLKEGLTVFRDQEFSGDRASRAVRRIENIRLLRQHQFPEDAGPTAHPVRPASY
EE(MSE)NNFYT(MSE)TVYEKGAEVVR(MSE)YHTLLGEEGFQKG(MSE)KLYFQRHDGQAVTCDDFRAA(MSE)ADAN
GINLDQFALWYSQAGTPVLEAEGRLKNNIFELTVKQTVPPTPD(MSE)TDKQP(MSE)(MSE)IPVKVGLLNRNGEAVAF
DYQGKRATEAVLLLTEAEQTFLLEGVTEAVVPSLLRGFSAPVHLNYPYSDDDLLLLLAHDSDAFTRWEAAQTLYRRAVAA
NLATLSDGVELPKHEKLLAAVEKVISDDLLDNAFKALLLGVPSEAELWDGAENIDPLRYHQAREALLDTLAVHFLPKWHE
LNRQAAKQENQSYEYSPEAAGWRTLRNVCRAFVLRADPAHIETVAEKYGE(MSE)AQN(MSE)THEWGILSAVNGNESDT
RNRLLAQFADKFSDDALV(MSE)DKYFALVGSSRRSDTLQQVRTALQHPKFSLENPNKARSLIGSFSRNVPHFHAEDGSG
YRFIADKVIEIDRFNPQVAARLVQAFNLCNKLEPHRKNLVKQALQRIRAQEGLSKDVGEIVGKILD
;
_entity_poly.pdbx_strand_id   A
#
# COMPACT_ATOMS: atom_id res chain seq x y z
N SER A 5 -25.57 -21.50 -0.02
CA SER A 5 -24.54 -21.58 -1.05
C SER A 5 -24.02 -20.18 -1.39
N LYS A 6 -22.84 -19.86 -0.86
CA LYS A 6 -22.18 -18.60 -1.15
C LYS A 6 -21.67 -18.57 -2.59
N THR A 7 -21.41 -17.37 -3.10
CA THR A 7 -20.88 -17.22 -4.44
C THR A 7 -19.38 -16.97 -4.38
N VAL A 8 -18.63 -17.99 -4.74
CA VAL A 8 -17.18 -17.86 -4.87
C VAL A 8 -16.80 -17.77 -6.33
N HIS A 9 -15.98 -16.78 -6.68
CA HIS A 9 -15.53 -16.61 -8.05
C HIS A 9 -14.21 -17.34 -8.27
N TYR A 10 -14.14 -18.15 -9.32
CA TYR A 10 -12.96 -18.95 -9.61
C TYR A 10 -12.32 -18.53 -10.94
N LEU A 11 -10.99 -18.40 -10.93
CA LEU A 11 -10.24 -18.02 -12.11
C LEU A 11 -10.40 -19.05 -13.23
N LYS A 12 -10.47 -20.32 -12.85
CA LYS A 12 -10.56 -21.41 -13.81
C LYS A 12 -11.88 -21.39 -14.58
N ASP A 13 -12.85 -20.62 -14.09
CA ASP A 13 -14.17 -20.55 -14.72
C ASP A 13 -14.28 -19.39 -15.71
N TYR A 14 -13.20 -18.63 -15.91
CA TYR A 14 -13.25 -17.47 -16.78
C TYR A 14 -13.73 -17.82 -18.19
N GLN A 15 -14.58 -16.98 -18.73
CA GLN A 15 -15.05 -17.09 -20.11
C GLN A 15 -15.25 -15.71 -20.69
N THR A 16 -14.90 -15.53 -21.96
CA THR A 16 -15.07 -14.25 -22.62
C THR A 16 -16.54 -13.83 -22.57
N PRO A 17 -16.79 -12.50 -22.55
CA PRO A 17 -18.17 -12.03 -22.40
C PRO A 17 -19.02 -12.35 -23.62
N ALA A 18 -20.29 -12.66 -23.40
CA ALA A 18 -21.21 -12.96 -24.50
C ALA A 18 -21.53 -11.69 -25.29
N TYR A 19 -21.28 -10.54 -24.68
CA TYR A 19 -21.56 -9.25 -25.33
C TYR A 19 -20.44 -8.25 -25.08
N HIS A 20 -20.14 -7.47 -26.11
CA HIS A 20 -19.23 -6.35 -25.98
C HIS A 20 -20.03 -5.04 -25.96
N ILE A 21 -19.44 -4.01 -25.36
CA ILE A 21 -20.02 -2.67 -25.39
C ILE A 21 -19.08 -1.77 -26.16
N LEU A 22 -19.54 -1.28 -27.30
CA LEU A 22 -18.71 -0.47 -28.19
C LEU A 22 -18.73 0.99 -27.80
N LYS A 23 -19.89 1.49 -27.39
CA LYS A 23 -20.06 2.88 -27.05
C LYS A 23 -20.90 3.01 -25.78
N THR A 24 -20.48 3.91 -24.90
CA THR A 24 -21.19 4.15 -23.65
C THR A 24 -21.46 5.65 -23.49
N ASP A 25 -22.68 6.06 -23.82
CA ASP A 25 -23.09 7.44 -23.66
C ASP A 25 -23.82 7.62 -22.34
N LEU A 26 -23.26 8.46 -21.46
CA LEU A 26 -23.84 8.69 -20.14
C LEU A 26 -24.34 10.13 -20.00
N HIS A 27 -25.46 10.29 -19.31
CA HIS A 27 -26.04 11.60 -19.05
C HIS A 27 -26.44 11.71 -17.58
N PHE A 28 -25.83 12.66 -16.87
CA PHE A 28 -26.09 12.85 -15.45
C PHE A 28 -26.90 14.13 -15.19
N ASP A 29 -28.07 13.97 -14.60
CA ASP A 29 -28.89 15.10 -14.17
CA ASP A 29 -28.89 15.09 -14.16
C ASP A 29 -28.83 15.22 -12.65
N ILE A 30 -27.97 16.11 -12.17
CA ILE A 30 -27.76 16.27 -10.74
C ILE A 30 -28.77 17.25 -10.13
N ASN A 31 -29.55 16.77 -9.18
CA ASN A 31 -30.50 17.60 -8.45
C ASN A 31 -30.35 17.34 -6.95
N GLU A 32 -31.22 17.96 -6.15
CA GLU A 32 -31.24 17.74 -4.72
CA GLU A 32 -31.23 17.74 -4.71
C GLU A 32 -32.53 17.04 -4.30
N PRO A 33 -32.42 15.86 -3.65
CA PRO A 33 -31.25 15.08 -3.25
C PRO A 33 -30.77 14.10 -4.31
N GLN A 34 -31.56 13.88 -5.36
CA GLN A 34 -31.32 12.76 -6.27
C GLN A 34 -30.56 13.16 -7.54
N THR A 35 -29.79 12.20 -8.05
CA THR A 35 -29.13 12.32 -9.34
C THR A 35 -29.64 11.23 -10.26
N VAL A 36 -30.09 11.61 -11.45
CA VAL A 36 -30.64 10.66 -12.41
C VAL A 36 -29.63 10.40 -13.52
N VAL A 37 -29.35 9.13 -13.76
CA VAL A 37 -28.38 8.74 -14.78
C VAL A 37 -29.11 8.05 -15.93
N LYS A 38 -28.94 8.60 -17.13
CA LYS A 38 -29.50 7.99 -18.33
C LYS A 38 -28.35 7.55 -19.24
N SER A 39 -28.36 6.28 -19.61
CA SER A 39 -27.30 5.71 -20.42
C SER A 39 -27.82 5.31 -21.80
N ARG A 40 -26.89 5.19 -22.74
CA ARG A 40 -27.17 4.60 -24.03
C ARG A 40 -25.96 3.76 -24.42
N LEU A 41 -26.14 2.45 -24.41
CA LEU A 41 -25.05 1.51 -24.68
C LEU A 41 -25.19 0.92 -26.07
N THR A 42 -24.12 0.97 -26.85
CA THR A 42 -24.08 0.30 -28.14
C THR A 42 -23.49 -1.10 -27.93
N VAL A 43 -24.35 -2.12 -28.03
CA VAL A 43 -23.97 -3.47 -27.66
C VAL A 43 -23.65 -4.34 -28.89
N GLU A 44 -22.52 -5.03 -28.83
CA GLU A 44 -22.08 -5.91 -29.90
C GLU A 44 -22.16 -7.38 -29.45
N PRO A 45 -23.09 -8.16 -30.02
CA PRO A 45 -23.16 -9.57 -29.66
C PRO A 45 -21.90 -10.37 -30.02
N GLN A 46 -21.37 -11.11 -29.06
CA GLN A 46 -20.25 -12.02 -29.31
C GLN A 46 -20.79 -13.44 -29.48
N ARG A 47 -21.63 -13.84 -28.54
CA ARG A 47 -22.32 -15.13 -28.60
C ARG A 47 -23.81 -14.89 -28.81
N VAL A 48 -24.21 -14.81 -30.08
CA VAL A 48 -25.59 -14.50 -30.44
C VAL A 48 -26.58 -15.45 -29.76
N GLY A 49 -27.70 -14.89 -29.32
CA GLY A 49 -28.78 -15.68 -28.74
C GLY A 49 -28.75 -15.73 -27.22
N GLU A 50 -27.59 -15.51 -26.63
CA GLU A 50 -27.48 -15.55 -25.17
C GLU A 50 -28.23 -14.39 -24.54
N PRO A 51 -28.72 -14.57 -23.30
CA PRO A 51 -29.39 -13.45 -22.64
C PRO A 51 -28.40 -12.34 -22.30
N LEU A 52 -28.85 -11.09 -22.40
CA LEU A 52 -28.03 -9.97 -21.98
C LEU A 52 -28.11 -9.84 -20.47
N VAL A 53 -26.97 -9.92 -19.80
CA VAL A 53 -26.90 -9.85 -18.36
C VAL A 53 -26.12 -8.60 -17.94
N LEU A 54 -26.79 -7.71 -17.20
CA LEU A 54 -26.18 -6.47 -16.74
C LEU A 54 -26.11 -6.43 -15.21
N ASP A 55 -24.96 -6.00 -14.69
CA ASP A 55 -24.80 -5.84 -13.25
C ASP A 55 -25.28 -4.47 -12.83
N GLY A 56 -26.01 -4.39 -11.73
CA GLY A 56 -26.49 -3.11 -11.23
C GLY A 56 -27.21 -3.21 -9.90
N SER A 57 -27.05 -2.17 -9.08
CA SER A 57 -27.66 -2.13 -7.75
C SER A 57 -28.35 -0.79 -7.46
N ALA A 58 -28.33 0.11 -8.44
CA ALA A 58 -28.99 1.41 -8.29
C ALA A 58 -30.49 1.27 -8.55
N LYS A 59 -31.26 2.25 -8.09
CA LYS A 59 -32.70 2.25 -8.27
C LYS A 59 -33.04 2.34 -9.76
N LEU A 60 -33.73 1.34 -10.27
CA LEU A 60 -34.04 1.26 -11.70
C LEU A 60 -35.36 1.95 -12.02
N LEU A 61 -35.31 2.93 -12.91
CA LEU A 61 -36.50 3.69 -13.31
C LEU A 61 -37.07 3.18 -14.63
N SER A 62 -36.20 2.84 -15.57
CA SER A 62 -36.64 2.26 -16.84
C SER A 62 -35.47 1.64 -17.60
N VAL A 63 -35.80 0.74 -18.52
CA VAL A 63 -34.81 0.10 -19.38
C VAL A 63 -35.43 -0.17 -20.75
N LYS A 64 -34.68 0.08 -21.81
CA LYS A 64 -35.19 -0.05 -23.17
C LYS A 64 -34.23 -0.77 -24.10
N ILE A 65 -34.79 -1.44 -25.10
CA ILE A 65 -34.03 -2.04 -26.19
C ILE A 65 -34.45 -1.37 -27.48
N ASN A 66 -33.52 -0.68 -28.13
CA ASN A 66 -33.81 0.04 -29.36
C ASN A 66 -34.99 1.01 -29.21
N GLY A 67 -35.05 1.68 -28.07
CA GLY A 67 -36.01 2.75 -27.86
C GLY A 67 -37.35 2.30 -27.30
N ALA A 68 -37.62 1.00 -27.32
CA ALA A 68 -38.88 0.47 -26.81
C ALA A 68 -38.69 -0.16 -25.43
N ALA A 69 -39.74 -0.10 -24.61
CA ALA A 69 -39.71 -0.69 -23.28
C ALA A 69 -39.35 -2.17 -23.38
N ALA A 70 -38.27 -2.56 -22.70
CA ALA A 70 -37.73 -3.90 -22.81
C ALA A 70 -38.41 -4.87 -21.86
N ASP A 71 -38.55 -6.11 -22.31
CA ASP A 71 -39.00 -7.18 -21.43
C ASP A 71 -37.80 -7.72 -20.67
N TYR A 72 -37.82 -7.55 -19.35
CA TYR A 72 -36.67 -7.89 -18.51
C TYR A 72 -37.11 -8.43 -17.16
N VAL A 73 -36.15 -8.97 -16.43
CA VAL A 73 -36.36 -9.37 -15.04
C VAL A 73 -35.20 -8.87 -14.19
N LEU A 74 -35.54 -8.32 -13.04
CA LEU A 74 -34.55 -7.85 -12.09
C LEU A 74 -34.47 -8.82 -10.92
N GLU A 75 -33.30 -9.42 -10.75
CA GLU A 75 -33.09 -10.40 -9.68
C GLU A 75 -31.75 -10.12 -9.01
N GLY A 76 -31.81 -9.77 -7.72
CA GLY A 76 -30.62 -9.38 -7.00
C GLY A 76 -30.00 -8.15 -7.64
N GLU A 77 -28.70 -8.20 -7.87
CA GLU A 77 -27.99 -7.10 -8.52
C GLU A 77 -27.71 -7.43 -9.98
N THR A 78 -28.66 -8.11 -10.62
CA THR A 78 -28.53 -8.46 -12.03
C THR A 78 -29.81 -8.14 -12.79
N LEU A 79 -29.64 -7.53 -13.96
CA LEU A 79 -30.74 -7.26 -14.87
C LEU A 79 -30.57 -8.14 -16.10
N THR A 80 -31.61 -8.92 -16.41
CA THR A 80 -31.55 -9.88 -17.51
C THR A 80 -32.60 -9.60 -18.57
N ILE A 81 -32.15 -9.51 -19.83
CA ILE A 81 -33.03 -9.36 -20.97
C ILE A 81 -32.85 -10.58 -21.89
N ALA A 82 -33.87 -11.42 -21.97
CA ALA A 82 -33.77 -12.68 -22.68
C ALA A 82 -33.82 -12.47 -24.19
N GLY A 83 -34.81 -11.71 -24.65
CA GLY A 83 -35.00 -11.48 -26.07
C GLY A 83 -34.26 -10.24 -26.55
N VAL A 84 -33.06 -10.44 -27.09
CA VAL A 84 -32.30 -9.35 -27.68
C VAL A 84 -32.00 -9.64 -29.14
N PRO A 85 -31.77 -8.58 -29.94
CA PRO A 85 -31.49 -8.78 -31.36
C PRO A 85 -30.24 -9.61 -31.64
N SER A 86 -30.20 -10.25 -32.81
CA SER A 86 -29.06 -11.04 -33.22
C SER A 86 -27.90 -10.16 -33.71
N GLU A 87 -28.22 -8.93 -34.07
CA GLU A 87 -27.25 -7.97 -34.57
C GLU A 87 -27.12 -6.79 -33.62
N ARG A 88 -26.38 -5.76 -34.04
CA ARG A 88 -26.17 -4.58 -33.21
C ARG A 88 -27.47 -4.00 -32.69
N PHE A 89 -27.45 -3.56 -31.43
CA PHE A 89 -28.61 -2.94 -30.82
C PHE A 89 -28.17 -2.00 -29.70
N THR A 90 -29.12 -1.20 -29.22
CA THR A 90 -28.83 -0.27 -28.13
C THR A 90 -29.61 -0.64 -26.88
N VAL A 91 -29.00 -0.34 -25.74
CA VAL A 91 -29.64 -0.49 -24.44
C VAL A 91 -29.64 0.88 -23.77
N GLU A 92 -30.78 1.27 -23.24
CA GLU A 92 -30.91 2.54 -22.54
C GLU A 92 -31.43 2.32 -21.13
N VAL A 93 -30.57 2.56 -20.15
CA VAL A 93 -30.92 2.36 -18.74
C VAL A 93 -31.05 3.70 -18.03
N GLU A 94 -32.12 3.83 -17.25
CA GLU A 94 -32.35 5.02 -16.44
C GLU A 94 -32.37 4.64 -14.96
N THR A 95 -31.40 5.16 -14.21
CA THR A 95 -31.29 4.88 -12.79
C THR A 95 -31.37 6.16 -11.95
N GLU A 96 -31.61 6.00 -10.66
CA GLU A 96 -31.67 7.11 -9.72
C GLU A 96 -30.77 6.85 -8.52
N ILE A 97 -30.00 7.86 -8.13
CA ILE A 97 -29.03 7.73 -7.05
C ILE A 97 -29.21 8.84 -6.03
N LEU A 98 -28.98 8.50 -4.77
CA LEU A 98 -29.00 9.46 -3.67
C LEU A 98 -27.60 9.53 -3.05
N PRO A 99 -26.68 10.30 -3.69
CA PRO A 99 -25.26 10.25 -3.32
C PRO A 99 -24.98 10.60 -1.86
N ALA A 100 -25.82 11.46 -1.27
CA ALA A 100 -25.61 11.89 0.11
C ALA A 100 -25.83 10.75 1.10
N GLU A 101 -26.56 9.72 0.68
CA GLU A 101 -26.83 8.56 1.54
C GLU A 101 -25.77 7.48 1.35
N ASN A 102 -24.90 7.65 0.37
CA ASN A 102 -23.86 6.66 0.08
C ASN A 102 -22.64 6.86 0.98
N LYS A 103 -22.60 6.11 2.08
CA LYS A 103 -21.50 6.19 3.03
C LYS A 103 -20.44 5.12 2.79
N SER A 104 -20.64 4.31 1.76
CA SER A 104 -19.68 3.26 1.41
C SER A 104 -18.53 3.83 0.61
N LEU A 105 -18.74 5.03 0.04
CA LEU A 105 -17.74 5.72 -0.75
C LEU A 105 -17.38 4.90 -1.99
N GLY A 107 -19.12 3.90 -5.94
CA GLY A 107 -20.11 4.42 -6.89
C GLY A 107 -20.09 5.93 -6.81
N LEU A 108 -21.27 6.55 -6.90
CA LEU A 108 -21.40 8.00 -6.80
C LEU A 108 -21.77 8.38 -5.38
N TYR A 109 -20.94 9.23 -4.75
CA TYR A 109 -21.20 9.64 -3.37
C TYR A 109 -20.85 11.10 -3.12
N ALA A 110 -21.33 11.61 -1.99
CA ALA A 110 -21.13 12.99 -1.60
C ALA A 110 -19.99 13.15 -0.60
N SER A 111 -19.26 14.24 -0.72
CA SER A 111 -18.17 14.55 0.20
C SER A 111 -17.88 16.04 0.19
N GLY A 112 -17.98 16.67 1.36
CA GLY A 112 -17.73 18.09 1.49
C GLY A 112 -18.69 18.93 0.66
N GLY A 113 -19.88 18.40 0.42
CA GLY A 113 -20.89 19.11 -0.35
C GLY A 113 -20.74 18.90 -1.84
N ASN A 114 -19.66 18.23 -2.24
CA ASN A 114 -19.40 17.92 -3.64
C ASN A 114 -19.67 16.46 -3.94
N LEU A 115 -19.61 16.09 -5.22
CA LEU A 115 -19.86 14.72 -5.66
C LEU A 115 -18.61 14.12 -6.28
N PHE A 116 -18.31 12.88 -5.90
CA PHE A 116 -17.17 12.15 -6.42
C PHE A 116 -17.59 10.73 -6.78
N THR A 117 -16.73 10.03 -7.50
CA THR A 117 -16.97 8.63 -7.84
C THR A 117 -15.76 7.76 -7.52
N GLN A 118 -16.03 6.52 -7.14
CA GLN A 118 -15.01 5.50 -7.03
C GLN A 118 -15.58 4.21 -7.59
N CYS A 119 -15.01 3.76 -8.71
CA CYS A 119 -15.59 2.65 -9.47
C CYS A 119 -14.80 1.35 -9.38
N GLU A 120 -13.49 1.43 -9.19
CA GLU A 120 -12.70 0.19 -9.09
C GLU A 120 -12.92 -0.45 -7.72
N PRO A 121 -13.15 -1.77 -7.70
CA PRO A 121 -13.24 -2.71 -8.83
C PRO A 121 -14.62 -2.75 -9.49
N GLU A 122 -15.68 -2.76 -8.68
CA GLU A 122 -17.04 -2.98 -9.19
C GLU A 122 -18.03 -1.97 -8.62
N GLY A 123 -17.65 -0.70 -8.65
CA GLY A 123 -18.49 0.37 -8.16
C GLY A 123 -19.35 1.01 -9.23
N PHE A 124 -19.01 0.78 -10.49
CA PHE A 124 -19.75 1.40 -11.59
C PHE A 124 -21.17 0.87 -11.65
N ARG A 125 -21.36 -0.38 -11.27
CA ARG A 125 -22.69 -0.99 -11.26
C ARG A 125 -23.59 -0.32 -10.23
N LYS A 126 -23.00 0.40 -9.29
CA LYS A 126 -23.77 1.16 -8.31
C LYS A 126 -24.26 2.48 -8.91
N ILE A 127 -23.82 2.78 -10.13
CA ILE A 127 -24.23 4.00 -10.81
C ILE A 127 -25.28 3.69 -11.88
N THR A 128 -24.99 2.70 -12.72
CA THR A 128 -25.93 2.27 -13.76
C THR A 128 -25.83 0.77 -13.97
N PHE A 129 -26.70 0.22 -14.80
CA PHE A 129 -26.64 -1.20 -15.13
C PHE A 129 -25.72 -1.41 -16.32
N TYR A 130 -24.70 -2.25 -16.12
CA TYR A 130 -23.58 -2.34 -17.04
C TYR A 130 -22.96 -3.74 -16.99
N ILE A 131 -22.26 -4.11 -18.04
CA ILE A 131 -21.43 -5.30 -18.01
C ILE A 131 -20.13 -4.92 -17.31
N ASP A 132 -20.20 -4.91 -15.98
CA ASP A 132 -19.17 -4.29 -15.14
C ASP A 132 -17.99 -5.22 -14.89
N ARG A 133 -17.23 -5.48 -15.94
CA ARG A 133 -16.04 -6.33 -15.86
C ARG A 133 -14.96 -5.76 -16.77
N PRO A 134 -13.69 -5.89 -16.36
CA PRO A 134 -12.63 -5.11 -17.01
C PRO A 134 -12.21 -5.60 -18.40
N ASP A 135 -12.68 -6.76 -18.84
CA ASP A 135 -12.38 -7.22 -20.20
C ASP A 135 -13.39 -6.66 -21.19
N VAL A 136 -14.40 -5.97 -20.68
CA VAL A 136 -15.36 -5.25 -21.52
C VAL A 136 -14.95 -3.78 -21.59
N SER A 138 -15.15 0.00 -23.53
CA SER A 138 -16.02 0.85 -24.32
C SER A 138 -15.54 2.30 -24.35
N LYS A 139 -15.95 3.03 -25.37
CA LYS A 139 -15.59 4.44 -25.50
C LYS A 139 -16.69 5.31 -24.87
N PHE A 140 -16.30 6.01 -23.81
CA PHE A 140 -17.26 6.78 -23.00
C PHE A 140 -17.42 8.21 -23.48
N THR A 141 -18.67 8.68 -23.51
CA THR A 141 -18.98 10.10 -23.66
C THR A 141 -19.97 10.50 -22.57
N THR A 142 -19.56 11.45 -21.74
CA THR A 142 -20.29 11.80 -20.52
C THR A 142 -20.83 13.22 -20.55
N THR A 143 -22.16 13.35 -20.49
CA THR A 143 -22.82 14.64 -20.36
C THR A 143 -23.26 14.82 -18.91
N ILE A 144 -23.03 16.02 -18.37
CA ILE A 144 -23.37 16.32 -16.99
C ILE A 144 -24.17 17.61 -16.90
N VAL A 145 -25.28 17.58 -16.17
CA VAL A 145 -26.13 18.76 -15.98
C VAL A 145 -26.34 19.00 -14.49
N ALA A 146 -26.14 20.24 -14.06
CA ALA A 146 -26.26 20.58 -12.65
C ALA A 146 -26.43 22.08 -12.46
N ASP A 147 -26.88 22.46 -11.27
CA ASP A 147 -26.95 23.87 -10.89
C ASP A 147 -25.55 24.46 -10.92
N LYS A 148 -25.41 25.60 -11.59
CA LYS A 148 -24.08 26.17 -11.86
C LYS A 148 -23.41 26.72 -10.61
N LYS A 149 -24.16 27.39 -9.74
CA LYS A 149 -23.57 28.00 -8.56
C LYS A 149 -23.18 26.95 -7.53
N ARG A 150 -23.96 25.88 -7.44
CA ARG A 150 -23.65 24.80 -6.50
C ARG A 150 -22.58 23.88 -7.07
N TYR A 151 -22.66 23.61 -8.37
CA TYR A 151 -21.71 22.72 -9.04
C TYR A 151 -21.08 23.39 -10.26
N PRO A 152 -20.24 24.41 -10.03
CA PRO A 152 -19.59 25.14 -11.13
C PRO A 152 -18.56 24.29 -11.88
N VAL A 153 -18.02 23.28 -11.20
CA VAL A 153 -17.02 22.40 -11.78
C VAL A 153 -17.62 21.03 -12.07
N LEU A 154 -17.66 20.65 -13.34
CA LEU A 154 -18.20 19.36 -13.76
C LEU A 154 -17.17 18.61 -14.61
N LEU A 155 -16.63 17.53 -14.05
CA LEU A 155 -15.53 16.81 -14.68
C LEU A 155 -15.87 15.36 -15.01
N SER A 156 -15.27 14.86 -16.07
CA SER A 156 -15.29 13.44 -16.39
C SER A 156 -14.07 13.11 -17.25
N ASN A 157 -13.91 11.85 -17.62
CA ASN A 157 -12.75 11.41 -18.38
C ASN A 157 -12.67 12.05 -19.77
N GLY A 158 -11.44 12.36 -20.18
CA GLY A 158 -11.18 12.74 -21.57
C GLY A 158 -11.21 14.23 -21.85
N ASN A 159 -11.66 14.57 -23.05
CA ASN A 159 -11.68 15.95 -23.52
C ASN A 159 -13.06 16.57 -23.39
N LYS A 160 -13.11 17.82 -22.93
CA LYS A 160 -14.34 18.57 -22.92
C LYS A 160 -14.62 19.08 -24.33
N ILE A 161 -15.73 18.61 -24.91
CA ILE A 161 -16.03 18.90 -26.31
C ILE A 161 -17.26 19.78 -26.49
N ASP A 162 -18.02 19.99 -25.42
CA ASP A 162 -19.21 20.83 -25.49
C ASP A 162 -19.72 21.20 -24.11
N GLY A 163 -20.60 22.20 -24.07
CA GLY A 163 -21.19 22.67 -22.83
C GLY A 163 -22.02 23.91 -23.09
N GLY A 164 -22.84 24.30 -22.13
CA GLY A 164 -23.70 25.46 -22.29
C GLY A 164 -24.40 25.90 -21.02
N GLU A 165 -25.30 26.86 -21.18
CA GLU A 165 -26.05 27.44 -20.06
C GLU A 165 -27.55 27.24 -20.25
N PHE A 166 -28.26 27.20 -19.13
CA PHE A 166 -29.73 27.18 -19.14
C PHE A 166 -30.24 28.40 -18.38
N SER A 167 -31.44 28.86 -18.75
CA SER A 167 -32.02 30.06 -18.15
C SER A 167 -32.32 29.87 -16.67
N ASP A 168 -32.51 28.62 -16.24
CA ASP A 168 -32.94 28.33 -14.88
C ASP A 168 -31.77 28.18 -13.90
N GLY A 169 -30.58 28.60 -14.32
CA GLY A 169 -29.41 28.59 -13.44
C GLY A 169 -28.53 27.36 -13.61
N ARG A 170 -29.04 26.33 -14.27
CA ARG A 170 -28.26 25.13 -14.51
CA ARG A 170 -28.27 25.12 -14.53
C ARG A 170 -27.31 25.33 -15.68
N HIS A 171 -26.25 24.53 -15.72
CA HIS A 171 -25.32 24.52 -16.85
C HIS A 171 -24.91 23.08 -17.12
N TRP A 172 -24.26 22.85 -18.25
CA TRP A 172 -23.90 21.49 -18.63
C TRP A 172 -22.56 21.42 -19.36
N VAL A 173 -21.97 20.22 -19.35
CA VAL A 173 -20.72 19.96 -20.03
C VAL A 173 -20.79 18.59 -20.68
N LYS A 174 -19.95 18.38 -21.70
CA LYS A 174 -19.88 17.09 -22.38
C LYS A 174 -18.42 16.67 -22.51
N TRP A 175 -18.13 15.49 -21.96
CA TRP A 175 -16.78 14.94 -21.95
C TRP A 175 -16.67 13.72 -22.85
N GLU A 176 -15.63 13.71 -23.69
CA GLU A 176 -15.40 12.61 -24.61
C GLU A 176 -14.03 11.98 -24.37
N ASP A 177 -14.05 10.72 -23.93
CA ASP A 177 -12.83 9.95 -23.75
C ASP A 177 -12.65 9.04 -24.97
N PRO A 178 -11.69 9.36 -25.85
CA PRO A 178 -11.57 8.61 -27.11
C PRO A 178 -10.97 7.21 -26.93
N PHE A 179 -10.39 6.95 -25.77
CA PHE A 179 -9.76 5.65 -25.51
C PHE A 179 -10.73 4.66 -24.89
N SER A 180 -10.89 3.52 -25.52
CA SER A 180 -11.72 2.44 -24.98
CA SER A 180 -11.72 2.46 -24.98
C SER A 180 -11.22 2.04 -23.61
N LYS A 181 -12.12 1.92 -22.65
CA LYS A 181 -11.72 1.56 -21.30
C LYS A 181 -12.76 0.70 -20.59
N PRO A 182 -12.30 -0.07 -19.59
CA PRO A 182 -13.24 -0.79 -18.73
C PRO A 182 -13.99 0.18 -17.83
N SER A 183 -15.12 -0.26 -17.28
CA SER A 183 -15.97 0.59 -16.47
C SER A 183 -15.27 1.10 -15.21
N TYR A 184 -14.31 0.35 -14.69
CA TYR A 184 -13.70 0.69 -13.42
C TYR A 184 -12.82 1.95 -13.52
N LEU A 185 -12.59 2.42 -14.73
CA LEU A 185 -11.77 3.62 -14.94
C LEU A 185 -12.63 4.85 -15.19
N PHE A 186 -13.95 4.69 -15.17
CA PHE A 186 -14.85 5.83 -15.26
C PHE A 186 -14.76 6.69 -14.02
N ALA A 187 -14.88 8.00 -14.21
CA ALA A 187 -14.91 8.93 -13.08
C ALA A 187 -15.78 10.14 -13.38
N LEU A 188 -16.41 10.67 -12.34
CA LEU A 188 -17.17 11.91 -12.44
C LEU A 188 -16.96 12.72 -11.17
N VAL A 189 -16.76 14.02 -11.33
CA VAL A 189 -16.67 14.94 -10.22
C VAL A 189 -17.59 16.13 -10.48
N ALA A 190 -18.34 16.52 -9.46
CA ALA A 190 -19.23 17.67 -9.55
C ALA A 190 -19.22 18.42 -8.23
N GLY A 191 -18.91 19.71 -8.29
CA GLY A 191 -18.89 20.51 -7.08
C GLY A 191 -18.21 21.86 -7.21
N ASP A 192 -18.02 22.51 -6.06
CA ASP A 192 -17.37 23.81 -6.00
C ASP A 192 -15.93 23.61 -5.53
N LEU A 193 -15.01 23.55 -6.49
CA LEU A 193 -13.60 23.27 -6.20
C LEU A 193 -12.70 24.35 -6.79
N ALA A 194 -11.63 24.67 -6.07
CA ALA A 194 -10.61 25.58 -6.56
C ALA A 194 -9.66 24.82 -7.47
N VAL A 195 -9.16 25.48 -8.51
CA VAL A 195 -8.29 24.82 -9.48
C VAL A 195 -6.88 25.40 -9.45
N THR A 196 -5.90 24.52 -9.60
CA THR A 196 -4.50 24.92 -9.71
C THR A 196 -4.00 24.46 -11.07
N GLU A 197 -3.51 25.40 -11.86
CA GLU A 197 -3.14 25.13 -13.25
C GLU A 197 -1.63 25.10 -13.48
N ASP A 198 -1.21 24.23 -14.39
CA ASP A 198 0.19 24.13 -14.80
C ASP A 198 0.21 23.37 -16.11
N TYR A 199 1.41 23.00 -16.57
CA TYR A 199 1.49 22.20 -17.79
C TYR A 199 2.83 21.49 -17.93
N PHE A 200 2.83 20.49 -18.81
CA PHE A 200 4.01 19.71 -19.14
C PHE A 200 4.05 19.52 -20.66
N THR A 201 5.21 19.71 -21.26
CA THR A 201 5.39 19.49 -22.69
C THR A 201 6.02 18.14 -22.93
N THR A 202 5.34 17.29 -23.69
CA THR A 202 5.82 15.94 -23.96
C THR A 202 7.03 15.96 -24.89
N SER A 204 7.26 14.78 -27.75
CA SER A 204 6.85 15.05 -29.12
C SER A 204 6.49 16.52 -29.32
N GLY A 205 6.58 17.30 -28.25
CA GLY A 205 6.36 18.74 -28.32
C GLY A 205 4.93 19.17 -28.07
N ARG A 206 4.15 18.31 -27.42
CA ARG A 206 2.74 18.62 -27.14
C ARG A 206 2.52 19.04 -25.70
N ASN A 207 1.92 20.22 -25.52
CA ASN A 207 1.56 20.69 -24.19
C ASN A 207 0.46 19.84 -23.58
N VAL A 208 0.63 19.50 -22.30
CA VAL A 208 -0.42 18.83 -21.53
C VAL A 208 -0.87 19.76 -20.42
N LYS A 209 -2.12 20.20 -20.49
CA LYS A 209 -2.69 21.04 -19.45
C LYS A 209 -2.88 20.22 -18.17
N ILE A 210 -2.31 20.70 -17.07
CA ILE A 210 -2.45 20.05 -15.77
C ILE A 210 -3.41 20.87 -14.91
N GLU A 211 -4.35 20.18 -14.26
CA GLU A 211 -5.33 20.83 -13.40
C GLU A 211 -5.55 20.02 -12.12
N PHE A 212 -5.17 20.60 -11.00
CA PHE A 212 -5.43 20.01 -9.69
C PHE A 212 -6.61 20.71 -9.02
N TYR A 213 -7.62 19.92 -8.67
CA TYR A 213 -8.82 20.46 -8.03
C TYR A 213 -8.85 20.12 -6.54
N THR A 214 -9.05 21.16 -5.73
CA THR A 214 -9.09 21.02 -4.28
C THR A 214 -10.10 22.00 -3.72
N THR A 215 -10.32 21.95 -2.40
CA THR A 215 -11.11 22.99 -1.75
C THR A 215 -10.32 24.30 -1.84
N GLU A 216 -11.03 25.40 -1.66
CA GLU A 216 -10.41 26.72 -1.70
C GLU A 216 -9.31 26.83 -0.65
N ALA A 217 -9.58 26.25 0.52
CA ALA A 217 -8.66 26.35 1.65
C ALA A 217 -7.41 25.49 1.47
N ASP A 218 -7.55 24.36 0.78
CA ASP A 218 -6.45 23.41 0.64
C ASP A 218 -5.53 23.72 -0.55
N LYS A 219 -5.93 24.66 -1.40
CA LYS A 219 -5.19 24.94 -2.63
C LYS A 219 -3.70 25.24 -2.40
N PRO A 220 -3.38 26.01 -1.36
CA PRO A 220 -1.95 26.33 -1.15
C PRO A 220 -1.08 25.12 -0.79
N LYS A 221 -1.69 23.97 -0.52
CA LYS A 221 -0.95 22.77 -0.12
C LYS A 221 -0.74 21.78 -1.26
N VAL A 222 -1.16 22.15 -2.46
CA VAL A 222 -1.16 21.20 -3.59
C VAL A 222 0.08 21.38 -4.48
N GLY A 223 0.92 22.34 -4.14
CA GLY A 223 2.08 22.67 -4.95
C GLY A 223 3.05 21.53 -5.19
N PHE A 224 3.36 20.77 -4.15
CA PHE A 224 4.35 19.70 -4.26
C PHE A 224 3.84 18.56 -5.12
N ALA A 225 2.54 18.31 -5.07
CA ALA A 225 1.93 17.25 -5.87
C ALA A 225 2.06 17.57 -7.37
N VAL A 226 1.88 18.83 -7.72
CA VAL A 226 1.98 19.26 -9.11
C VAL A 226 3.39 19.03 -9.62
N GLU A 227 4.39 19.44 -8.84
CA GLU A 227 5.78 19.24 -9.21
C GLU A 227 6.13 17.76 -9.31
N SER A 228 5.58 16.95 -8.41
CA SER A 228 5.82 15.52 -8.43
C SER A 228 5.25 14.90 -9.70
N LEU A 229 4.08 15.37 -10.11
CA LEU A 229 3.45 14.88 -11.34
C LEU A 229 4.33 15.16 -12.55
N LYS A 230 4.77 16.41 -12.67
CA LYS A 230 5.59 16.81 -13.81
C LYS A 230 6.88 15.99 -13.85
N ASN A 231 7.44 15.69 -12.68
CA ASN A 231 8.60 14.83 -12.60
C ASN A 231 8.30 13.41 -13.07
N ALA A 232 7.13 12.91 -12.68
CA ALA A 232 6.73 11.55 -13.06
C ALA A 232 6.51 11.44 -14.57
N LYS A 234 8.02 13.25 -16.88
CA LYS A 234 9.35 13.30 -17.48
C LYS A 234 10.08 11.97 -17.31
N TRP A 235 9.95 11.39 -16.11
CA TRP A 235 10.65 10.15 -15.79
C TRP A 235 10.15 8.99 -16.65
N ASP A 236 8.84 8.89 -16.85
CA ASP A 236 8.28 7.79 -17.61
C ASP A 236 8.73 7.91 -19.07
N GLU A 237 8.99 9.14 -19.50
CA GLU A 237 9.50 9.38 -20.85
C GLU A 237 10.94 8.92 -21.00
N THR A 238 11.77 9.25 -20.01
CA THR A 238 13.20 8.99 -20.10
C THR A 238 13.54 7.54 -19.72
N ARG A 239 12.88 7.02 -18.70
CA ARG A 239 13.17 5.67 -18.21
C ARG A 239 12.49 4.60 -19.05
N PHE A 240 11.21 4.79 -19.35
CA PHE A 240 10.40 3.77 -20.02
C PHE A 240 9.98 4.14 -21.45
N GLY A 241 10.29 5.36 -21.87
CA GLY A 241 9.93 5.79 -23.21
C GLY A 241 8.43 5.96 -23.40
N LEU A 242 7.72 6.18 -22.30
CA LEU A 242 6.26 6.29 -22.34
C LEU A 242 5.79 7.73 -22.30
N GLU A 243 4.91 8.07 -23.26
CA GLU A 243 4.41 9.42 -23.42
C GLU A 243 2.91 9.49 -23.09
N TYR A 244 2.47 10.59 -22.50
CA TYR A 244 1.06 10.79 -22.19
C TYR A 244 0.28 10.94 -23.49
N ASP A 245 -1.00 10.57 -23.48
CA ASP A 245 -1.78 10.46 -24.71
C ASP A 245 -2.97 11.42 -24.80
N LEU A 246 -3.09 12.33 -23.85
CA LEU A 246 -4.11 13.39 -23.91
C LEU A 246 -3.44 14.75 -23.72
N ASP A 247 -4.17 15.83 -24.03
CA ASP A 247 -3.65 17.18 -23.83
C ASP A 247 -4.21 17.78 -22.53
N ILE A 248 -4.70 16.90 -21.67
CA ILE A 248 -5.30 17.30 -20.40
C ILE A 248 -5.09 16.20 -19.38
N PHE A 249 -4.66 16.59 -18.18
CA PHE A 249 -4.53 15.66 -17.07
C PHE A 249 -5.03 16.31 -15.78
N VAL A 251 -6.32 16.10 -11.67
CA VAL A 251 -6.23 15.46 -10.37
C VAL A 251 -7.22 16.13 -9.42
N VAL A 252 -7.97 15.31 -8.69
CA VAL A 252 -8.98 15.83 -7.76
C VAL A 252 -8.75 15.24 -6.38
N ALA A 253 -8.66 16.11 -5.38
CA ALA A 253 -8.49 15.69 -3.99
C ALA A 253 -9.85 15.53 -3.33
N VAL A 254 -10.00 14.47 -2.54
CA VAL A 254 -11.23 14.23 -1.80
C VAL A 254 -10.90 13.73 -0.39
N GLY A 255 -11.58 14.31 0.61
CA GLY A 255 -11.30 14.02 2.00
C GLY A 255 -11.87 12.69 2.47
N ASP A 256 -12.94 12.25 1.83
CA ASP A 256 -13.54 10.95 2.11
C ASP A 256 -13.20 9.97 0.99
N PHE A 257 -12.30 9.04 1.29
CA PHE A 257 -11.81 8.10 0.28
C PHE A 257 -11.30 6.83 0.96
N ASN A 258 -11.62 5.67 0.38
CA ASN A 258 -11.32 4.39 1.02
C ASN A 258 -9.85 3.99 0.96
N GLY A 260 -5.80 5.28 -1.16
CA GLY A 260 -4.90 6.40 -1.36
C GLY A 260 -5.27 7.22 -2.59
N ALA A 261 -5.49 6.55 -3.72
CA ALA A 261 -5.81 7.25 -4.96
C ALA A 261 -6.37 6.30 -6.02
N GLU A 263 -6.62 5.75 -10.48
CA GLU A 263 -5.97 6.13 -11.73
C GLU A 263 -6.93 6.37 -12.90
N ASN A 264 -8.13 6.86 -12.62
CA ASN A 264 -9.13 7.04 -13.68
C ASN A 264 -8.54 7.86 -14.83
N LYS A 265 -8.78 7.41 -16.05
CA LYS A 265 -8.15 7.98 -17.25
C LYS A 265 -8.32 9.49 -17.35
N GLY A 266 -7.21 10.21 -17.22
CA GLY A 266 -7.21 11.65 -17.37
C GLY A 266 -7.92 12.41 -16.26
N LEU A 267 -8.37 11.68 -15.24
CA LEU A 267 -9.09 12.29 -14.12
C LEU A 267 -8.83 11.50 -12.84
N ASN A 268 -7.60 11.57 -12.36
CA ASN A 268 -7.24 10.84 -11.14
C ASN A 268 -7.90 11.44 -9.91
N ILE A 269 -8.34 10.57 -9.00
CA ILE A 269 -8.94 11.01 -7.74
C ILE A 269 -8.08 10.52 -6.59
N PHE A 270 -7.63 11.47 -5.78
CA PHE A 270 -6.67 11.21 -4.71
C PHE A 270 -7.28 11.41 -3.33
N ASN A 271 -6.95 10.51 -2.41
CA ASN A 271 -7.10 10.80 -0.99
C ASN A 271 -6.26 12.03 -0.69
N THR A 272 -6.81 12.95 0.10
CA THR A 272 -6.13 14.21 0.38
C THR A 272 -4.74 14.04 0.95
N LYS A 273 -4.49 12.93 1.63
CA LYS A 273 -3.22 12.73 2.32
C LYS A 273 -2.08 12.43 1.35
N PHE A 274 -2.42 12.09 0.12
CA PHE A 274 -1.43 11.84 -0.93
C PHE A 274 -1.39 12.91 -2.00
N VAL A 275 -1.77 14.13 -1.66
CA VAL A 275 -1.67 15.27 -2.56
C VAL A 275 -1.46 16.64 -1.88
N LEU A 276 -1.95 16.78 -0.66
CA LEU A 276 -1.79 17.99 0.10
C LEU A 276 -0.62 17.93 1.07
N ALA A 277 0.17 18.98 1.10
CA ALA A 277 1.29 19.10 2.03
C ALA A 277 1.94 20.48 2.03
N ASP A 278 2.36 20.91 3.21
CA ASP A 278 3.36 21.98 3.35
C ASP A 278 4.19 21.64 4.59
N SER A 279 5.35 22.28 4.74
CA SER A 279 6.25 21.96 5.83
C SER A 279 5.58 22.14 7.19
N ARG A 280 4.65 23.08 7.27
CA ARG A 280 4.01 23.38 8.54
C ARG A 280 3.11 22.24 9.04
N THR A 281 2.47 21.53 8.12
CA THR A 281 1.44 20.56 8.49
C THR A 281 1.72 19.12 8.02
N ALA A 282 2.79 18.94 7.24
CA ALA A 282 3.13 17.62 6.70
C ALA A 282 4.57 17.24 7.01
N THR A 283 4.77 15.97 7.33
CA THR A 283 6.12 15.46 7.62
C THR A 283 6.84 15.13 6.32
N ASP A 284 8.16 14.95 6.41
CA ASP A 284 8.97 14.59 5.25
C ASP A 284 8.45 13.29 4.64
N THR A 285 7.97 12.39 5.50
CA THR A 285 7.40 11.13 5.04
C THR A 285 6.12 11.34 4.25
N ASP A 286 5.33 12.35 4.65
CA ASP A 286 4.11 12.70 3.91
C ASP A 286 4.48 13.16 2.51
N PHE A 287 5.51 13.99 2.40
CA PHE A 287 5.99 14.47 1.11
C PHE A 287 6.40 13.31 0.20
N GLU A 288 7.24 12.42 0.73
CA GLU A 288 7.69 11.26 -0.03
C GLU A 288 6.50 10.41 -0.46
N GLY A 289 5.48 10.36 0.39
CA GLY A 289 4.27 9.63 0.08
C GLY A 289 3.51 10.23 -1.10
N ILE A 290 3.46 11.55 -1.14
CA ILE A 290 2.80 12.25 -2.25
C ILE A 290 3.53 11.98 -3.55
N GLU A 291 4.86 12.08 -3.51
CA GLU A 291 5.69 11.82 -4.67
C GLU A 291 5.47 10.41 -5.23
N SER A 292 5.41 9.42 -4.34
CA SER A 292 5.23 8.03 -4.74
C SER A 292 3.86 7.79 -5.36
N VAL A 293 2.81 8.26 -4.69
CA VAL A 293 1.45 7.97 -5.13
C VAL A 293 1.06 8.77 -6.36
N VAL A 294 1.45 10.04 -6.43
CA VAL A 294 1.21 10.84 -7.62
C VAL A 294 1.87 10.16 -8.82
N GLY A 295 3.12 9.74 -8.65
CA GLY A 295 3.81 8.99 -9.67
C GLY A 295 3.07 7.72 -10.02
N HIS A 296 2.73 6.95 -8.99
CA HIS A 296 2.01 5.68 -9.14
C HIS A 296 0.78 5.82 -10.04
N GLU A 297 -0.08 6.78 -9.72
CA GLU A 297 -1.33 6.95 -10.47
C GLU A 297 -1.08 7.37 -11.91
N TYR A 298 -0.03 8.15 -12.15
CA TYR A 298 0.28 8.54 -13.52
C TYR A 298 0.86 7.37 -14.30
N PHE A 299 1.70 6.58 -13.64
CA PHE A 299 2.32 5.43 -14.27
C PHE A 299 1.27 4.40 -14.68
N HIS A 300 0.13 4.40 -13.98
CA HIS A 300 -0.99 3.52 -14.33
C HIS A 300 -1.55 3.80 -15.72
N ASN A 301 -1.29 5.00 -16.25
CA ASN A 301 -1.83 5.38 -17.55
C ASN A 301 -1.43 4.41 -18.65
N TRP A 302 -0.25 3.81 -18.51
CA TRP A 302 0.20 2.79 -19.44
C TRP A 302 0.07 1.40 -18.83
N THR A 303 0.56 1.25 -17.60
CA THR A 303 0.48 -0.03 -16.89
C THR A 303 -0.80 -0.11 -16.08
N GLY A 304 -1.92 -0.30 -16.77
CA GLY A 304 -3.23 -0.35 -16.14
C GLY A 304 -4.35 0.16 -17.03
N ASN A 305 -4.11 1.27 -17.72
CA ASN A 305 -5.15 1.90 -18.53
C ASN A 305 -5.03 1.54 -20.00
N ARG A 306 -3.89 1.82 -20.61
CA ARG A 306 -3.69 1.47 -22.02
C ARG A 306 -3.64 -0.05 -22.17
N VAL A 307 -2.98 -0.71 -21.21
CA VAL A 307 -3.07 -2.16 -21.06
C VAL A 307 -3.69 -2.44 -19.70
N THR A 308 -4.86 -3.10 -19.69
CA THR A 308 -5.61 -3.32 -18.47
C THR A 308 -5.71 -4.80 -18.13
N CYS A 309 -6.60 -5.14 -17.20
CA CYS A 309 -6.73 -6.50 -16.67
C CYS A 309 -7.89 -7.27 -17.30
N ARG A 310 -7.63 -8.49 -17.75
CA ARG A 310 -8.68 -9.35 -18.29
C ARG A 310 -9.74 -9.65 -17.24
N ASP A 311 -9.28 -9.87 -16.01
CA ASP A 311 -10.16 -10.13 -14.89
C ASP A 311 -9.47 -9.68 -13.61
N TRP A 312 -10.19 -9.67 -12.50
CA TRP A 312 -9.65 -9.13 -11.27
C TRP A 312 -8.66 -10.07 -10.58
N PHE A 313 -8.58 -11.32 -11.02
CA PHE A 313 -7.54 -12.21 -10.51
C PHE A 313 -6.18 -11.72 -10.99
N GLN A 314 -6.18 -10.96 -12.08
CA GLN A 314 -4.93 -10.43 -12.65
C GLN A 314 -4.54 -9.08 -12.06
N LEU A 315 -5.12 -8.71 -10.91
CA LEU A 315 -4.93 -7.36 -10.37
C LEU A 315 -3.46 -6.97 -10.26
N SER A 316 -2.62 -7.91 -9.86
CA SER A 316 -1.19 -7.62 -9.67
C SER A 316 -0.50 -7.26 -10.98
N LEU A 317 -1.12 -7.61 -12.10
CA LEU A 317 -0.58 -7.28 -13.42
C LEU A 317 -0.34 -5.79 -13.55
N LYS A 318 -1.28 -4.99 -13.05
CA LYS A 318 -1.16 -3.54 -13.12
C LYS A 318 -0.66 -2.95 -11.80
N GLU A 319 -0.99 -3.58 -10.68
CA GLU A 319 -0.59 -3.04 -9.38
C GLU A 319 0.84 -3.42 -9.01
N GLY A 320 1.20 -4.69 -9.21
CA GLY A 320 2.56 -5.12 -8.94
C GLY A 320 3.54 -4.35 -9.81
N LEU A 321 3.19 -4.21 -11.08
CA LEU A 321 4.05 -3.53 -12.05
C LEU A 321 4.12 -2.03 -11.78
N THR A 322 3.00 -1.42 -11.43
CA THR A 322 2.95 0.02 -11.21
C THR A 322 3.62 0.40 -9.90
N VAL A 323 3.51 -0.47 -8.89
CA VAL A 323 4.22 -0.23 -7.63
C VAL A 323 5.72 -0.26 -7.87
N PHE A 324 6.18 -1.27 -8.61
CA PHE A 324 7.57 -1.38 -8.99
C PHE A 324 8.03 -0.11 -9.71
N ARG A 325 7.15 0.43 -10.54
CA ARG A 325 7.46 1.64 -11.29
C ARG A 325 7.59 2.86 -10.38
N ASP A 326 6.70 3.01 -9.41
CA ASP A 326 6.78 4.18 -8.53
C ASP A 326 7.97 4.03 -7.59
N GLN A 327 8.34 2.78 -7.29
CA GLN A 327 9.52 2.51 -6.48
C GLN A 327 10.79 2.92 -7.22
N GLU A 328 10.85 2.60 -8.51
CA GLU A 328 12.00 2.95 -9.33
C GLU A 328 12.02 4.45 -9.59
N PHE A 329 10.84 5.05 -9.63
CA PHE A 329 10.72 6.49 -9.77
C PHE A 329 11.29 7.18 -8.54
N SER A 330 10.81 6.79 -7.36
CA SER A 330 11.30 7.35 -6.11
C SER A 330 12.79 7.08 -5.91
N GLY A 331 13.24 5.91 -6.34
CA GLY A 331 14.63 5.54 -6.22
C GLY A 331 15.53 6.38 -7.11
N ASP A 332 15.02 6.72 -8.30
CA ASP A 332 15.77 7.54 -9.24
C ASP A 332 15.79 9.01 -8.80
N ARG A 333 14.79 9.41 -8.03
CA ARG A 333 14.73 10.78 -7.53
C ARG A 333 15.83 11.02 -6.50
N ALA A 334 15.91 10.16 -5.50
CA ALA A 334 16.88 10.32 -4.42
C ALA A 334 16.95 9.07 -3.53
N SER A 335 18.09 8.88 -2.89
CA SER A 335 18.25 7.88 -1.83
C SER A 335 17.73 6.49 -2.22
N ARG A 336 18.27 5.94 -3.30
CA ARG A 336 17.82 4.65 -3.81
C ARG A 336 17.99 3.54 -2.77
N ALA A 337 19.17 3.46 -2.18
CA ALA A 337 19.49 2.40 -1.23
C ALA A 337 18.56 2.44 -0.02
N VAL A 338 18.49 3.60 0.64
CA VAL A 338 17.68 3.75 1.84
C VAL A 338 16.21 3.46 1.57
N ARG A 339 15.71 3.92 0.44
CA ARG A 339 14.30 3.73 0.09
C ARG A 339 14.00 2.28 -0.29
N ARG A 340 15.01 1.57 -0.78
CA ARG A 340 14.88 0.15 -1.07
C ARG A 340 14.69 -0.62 0.24
N ILE A 341 15.48 -0.26 1.24
CA ILE A 341 15.36 -0.89 2.56
C ILE A 341 13.96 -0.67 3.14
N GLU A 342 13.48 0.57 3.03
CA GLU A 342 12.15 0.91 3.53
C GLU A 342 11.09 0.02 2.92
N ASN A 343 11.20 -0.25 1.63
CA ASN A 343 10.26 -1.10 0.93
C ASN A 343 10.35 -2.55 1.40
N ILE A 344 11.57 -3.03 1.58
CA ILE A 344 11.80 -4.37 2.08
C ILE A 344 11.23 -4.51 3.48
N ARG A 345 11.48 -3.50 4.32
CA ARG A 345 10.99 -3.48 5.68
C ARG A 345 9.47 -3.52 5.71
N LEU A 346 8.84 -2.75 4.83
CA LEU A 346 7.39 -2.75 4.72
C LEU A 346 6.87 -4.13 4.37
N LEU A 347 7.53 -4.78 3.42
CA LEU A 347 7.12 -6.11 2.97
C LEU A 347 7.16 -7.11 4.11
N ARG A 348 8.29 -7.18 4.80
CA ARG A 348 8.49 -8.18 5.84
C ARG A 348 7.66 -7.90 7.09
N GLN A 349 7.27 -6.64 7.28
CA GLN A 349 6.49 -6.26 8.46
C GLN A 349 4.99 -6.42 8.26
N HIS A 350 4.54 -6.47 7.01
CA HIS A 350 3.10 -6.49 6.71
C HIS A 350 2.69 -7.57 5.70
N GLN A 351 3.54 -7.85 4.72
CA GLN A 351 3.21 -8.86 3.71
C GLN A 351 3.55 -10.25 4.22
N PHE A 352 4.67 -10.40 4.91
CA PHE A 352 5.08 -11.70 5.43
C PHE A 352 4.06 -12.27 6.42
N PRO A 353 3.61 -11.44 7.39
CA PRO A 353 2.55 -11.92 8.28
C PRO A 353 1.30 -12.38 7.53
N GLU A 354 0.98 -11.72 6.43
CA GLU A 354 -0.18 -12.07 5.63
C GLU A 354 0.02 -13.43 4.95
N ASP A 355 1.23 -13.65 4.42
CA ASP A 355 1.54 -14.90 3.74
C ASP A 355 1.63 -16.07 4.72
N ALA A 356 1.77 -15.74 6.01
CA ALA A 356 1.87 -16.76 7.05
C ALA A 356 0.54 -16.96 7.77
N GLY A 357 -0.40 -16.05 7.53
CA GLY A 357 -1.67 -16.05 8.23
C GLY A 357 -2.78 -16.74 7.46
N PRO A 358 -4.00 -16.70 8.00
CA PRO A 358 -5.15 -17.42 7.45
C PRO A 358 -5.69 -16.83 6.14
N THR A 359 -5.33 -15.58 5.83
CA THR A 359 -5.79 -14.94 4.61
C THR A 359 -4.73 -14.96 3.52
N ALA A 360 -3.73 -15.82 3.68
CA ALA A 360 -2.65 -15.93 2.70
C ALA A 360 -3.20 -16.32 1.33
N HIS A 361 -2.66 -15.70 0.29
CA HIS A 361 -3.09 -15.97 -1.08
C HIS A 361 -1.94 -15.75 -2.05
N PRO A 362 -2.03 -16.33 -3.25
CA PRO A 362 -1.02 -16.06 -4.28
C PRO A 362 -1.12 -14.63 -4.82
N VAL A 363 -0.03 -14.15 -5.44
CA VAL A 363 -0.04 -12.83 -6.07
C VAL A 363 -1.18 -12.76 -7.09
N ARG A 364 -1.46 -13.89 -7.72
CA ARG A 364 -2.61 -14.04 -8.59
C ARG A 364 -3.57 -15.07 -7.99
N PRO A 365 -4.55 -14.62 -7.19
CA PRO A 365 -5.46 -15.56 -6.52
C PRO A 365 -6.21 -16.46 -7.49
N ALA A 366 -6.54 -17.66 -7.04
CA ALA A 366 -7.31 -18.60 -7.85
C ALA A 366 -8.80 -18.45 -7.57
N SER A 367 -9.14 -17.77 -6.47
CA SER A 367 -10.53 -17.53 -6.13
C SER A 367 -10.70 -16.39 -5.13
N TYR A 368 -11.91 -15.83 -5.12
CA TYR A 368 -12.28 -14.82 -4.13
C TYR A 368 -13.79 -14.74 -4.00
N GLU A 369 -14.26 -14.29 -2.84
CA GLU A 369 -15.68 -14.02 -2.64
C GLU A 369 -15.97 -12.55 -2.92
N GLU A 370 -15.16 -11.68 -2.31
CA GLU A 370 -15.29 -10.23 -2.50
C GLU A 370 -13.94 -9.65 -2.92
N ASN A 372 -12.80 -6.73 -3.20
CA ASN A 372 -12.27 -5.62 -2.39
C ASN A 372 -11.26 -6.09 -1.34
N ASN A 373 -11.33 -7.36 -0.98
CA ASN A 373 -10.44 -7.91 0.05
C ASN A 373 -9.06 -8.27 -0.46
N PHE A 374 -8.84 -8.15 -1.77
CA PHE A 374 -7.58 -8.60 -2.37
C PHE A 374 -6.75 -7.45 -2.96
N TYR A 375 -7.04 -6.25 -2.49
CA TYR A 375 -6.15 -5.11 -2.72
C TYR A 375 -5.16 -5.09 -1.57
N THR A 376 -4.29 -6.10 -1.55
CA THR A 376 -3.50 -6.44 -0.38
C THR A 376 -2.01 -6.19 -0.55
N THR A 378 0.14 -8.46 -0.52
CA THR A 378 0.62 -9.51 -1.41
C THR A 378 0.54 -9.09 -2.87
N VAL A 379 -0.64 -8.69 -3.30
CA VAL A 379 -0.87 -8.28 -4.68
C VAL A 379 -0.01 -7.07 -5.07
N TYR A 380 0.16 -6.15 -4.13
CA TYR A 380 0.89 -4.91 -4.38
C TYR A 380 2.40 -5.04 -4.17
N GLU A 381 2.79 -5.26 -2.93
CA GLU A 381 4.21 -5.20 -2.57
C GLU A 381 4.96 -6.45 -2.99
N LYS A 382 4.45 -7.64 -2.67
CA LYS A 382 5.09 -8.86 -3.14
C LYS A 382 5.01 -8.90 -4.67
N GLY A 383 3.91 -8.41 -5.21
CA GLY A 383 3.73 -8.31 -6.65
C GLY A 383 4.84 -7.50 -7.28
N ALA A 384 5.23 -6.43 -6.60
CA ALA A 384 6.33 -5.57 -7.07
C ALA A 384 7.66 -6.30 -6.98
N GLU A 385 7.81 -7.15 -5.96
CA GLU A 385 9.03 -7.93 -5.81
C GLU A 385 9.14 -8.96 -6.93
N VAL A 386 8.00 -9.49 -7.36
CA VAL A 386 7.98 -10.44 -8.47
C VAL A 386 8.40 -9.74 -9.76
N VAL A 387 7.86 -8.55 -9.99
CA VAL A 387 8.23 -7.76 -11.15
C VAL A 387 9.72 -7.41 -11.10
N ARG A 388 10.19 -7.06 -9.91
CA ARG A 388 11.59 -6.69 -9.73
C ARG A 388 12.54 -7.83 -10.06
N TYR A 390 12.16 -9.93 -12.53
CA TYR A 390 12.37 -9.86 -13.98
C TYR A 390 13.58 -8.97 -14.25
N HIS A 391 13.62 -7.84 -13.56
CA HIS A 391 14.68 -6.85 -13.73
C HIS A 391 16.02 -7.42 -13.27
N THR A 392 15.98 -8.24 -12.23
CA THR A 392 17.19 -8.87 -11.70
C THR A 392 17.70 -9.94 -12.67
N LEU A 393 16.80 -10.73 -13.22
CA LEU A 393 17.17 -11.80 -14.14
C LEU A 393 17.63 -11.28 -15.50
N LEU A 394 17.00 -10.20 -15.95
CA LEU A 394 17.18 -9.72 -17.32
C LEU A 394 18.06 -8.47 -17.41
N GLY A 395 18.08 -7.68 -16.34
CA GLY A 395 18.77 -6.41 -16.35
C GLY A 395 17.86 -5.33 -16.93
N GLU A 396 18.27 -4.07 -16.79
CA GLU A 396 17.43 -2.95 -17.20
C GLU A 396 17.08 -3.01 -18.69
N GLU A 397 18.08 -3.20 -19.54
CA GLU A 397 17.86 -3.24 -20.98
C GLU A 397 16.91 -4.36 -21.37
N GLY A 398 17.18 -5.56 -20.84
CA GLY A 398 16.34 -6.71 -21.11
C GLY A 398 14.92 -6.49 -20.61
N PHE A 399 14.79 -5.88 -19.43
CA PHE A 399 13.49 -5.58 -18.87
C PHE A 399 12.71 -4.67 -19.80
N GLN A 400 13.38 -3.63 -20.32
CA GLN A 400 12.74 -2.67 -21.20
C GLN A 400 12.34 -3.30 -22.54
N LYS A 401 13.10 -4.30 -22.98
CA LYS A 401 12.73 -5.04 -24.19
C LYS A 401 11.39 -5.71 -23.97
N GLY A 402 11.22 -6.31 -22.80
CA GLY A 402 9.97 -6.96 -22.45
C GLY A 402 8.83 -5.98 -22.36
N LYS A 404 8.59 -3.15 -23.98
CA LYS A 404 8.27 -2.72 -25.34
C LYS A 404 7.36 -3.74 -26.03
N LEU A 405 7.75 -5.01 -25.95
CA LEU A 405 6.97 -6.08 -26.58
C LEU A 405 5.61 -6.25 -25.89
N TYR A 406 5.59 -6.01 -24.59
CA TYR A 406 4.35 -6.05 -23.81
C TYR A 406 3.33 -5.06 -24.37
N PHE A 407 3.79 -3.85 -24.65
CA PHE A 407 2.91 -2.80 -25.18
C PHE A 407 2.61 -3.02 -26.67
N GLN A 408 3.60 -3.48 -27.42
CA GLN A 408 3.38 -3.79 -28.83
C GLN A 408 2.27 -4.81 -29.03
N ARG A 409 2.24 -5.81 -28.15
CA ARG A 409 1.27 -6.91 -28.26
C ARG A 409 -0.11 -6.55 -27.74
N HIS A 410 -0.17 -5.82 -26.64
CA HIS A 410 -1.40 -5.73 -25.85
C HIS A 410 -1.92 -4.32 -25.59
N ASP A 411 -1.42 -3.32 -26.32
CA ASP A 411 -1.96 -1.98 -26.21
C ASP A 411 -3.43 -2.00 -26.63
N GLY A 412 -4.30 -1.51 -25.73
CA GLY A 412 -5.72 -1.50 -25.97
C GLY A 412 -6.42 -2.79 -25.61
N GLN A 413 -5.71 -3.70 -24.94
CA GLN A 413 -6.25 -5.00 -24.58
C GLN A 413 -6.32 -5.20 -23.06
N ALA A 414 -7.15 -6.15 -22.65
CA ALA A 414 -7.24 -6.58 -21.25
C ALA A 414 -6.64 -7.97 -21.11
N VAL A 415 -5.45 -8.04 -20.52
CA VAL A 415 -4.64 -9.26 -20.55
C VAL A 415 -4.38 -9.82 -19.15
N THR A 416 -3.47 -10.79 -19.07
CA THR A 416 -3.21 -11.51 -17.82
C THR A 416 -1.74 -11.46 -17.45
N CYS A 417 -1.44 -11.92 -16.23
CA CYS A 417 -0.07 -11.99 -15.75
C CYS A 417 0.79 -12.87 -16.68
N ASP A 418 0.18 -13.91 -17.22
CA ASP A 418 0.87 -14.82 -18.13
C ASP A 418 1.39 -14.06 -19.35
N ASP A 419 0.57 -13.15 -19.86
CA ASP A 419 0.92 -12.36 -21.04
C ASP A 419 2.11 -11.45 -20.74
N PHE A 420 2.17 -10.91 -19.54
CA PHE A 420 3.30 -10.07 -19.15
C PHE A 420 4.56 -10.91 -19.05
N ARG A 421 4.43 -12.07 -18.41
CA ARG A 421 5.55 -13.00 -18.30
C ARG A 421 6.02 -13.45 -19.67
N ALA A 422 5.07 -13.73 -20.57
CA ALA A 422 5.38 -14.17 -21.91
C ALA A 422 6.14 -13.10 -22.68
N ALA A 423 5.74 -11.84 -22.51
CA ALA A 423 6.41 -10.72 -23.16
C ALA A 423 7.85 -10.59 -22.69
N ALA A 425 9.61 -13.12 -21.49
CA ALA A 425 10.31 -14.31 -21.97
C ALA A 425 10.63 -14.21 -23.45
N ASP A 426 9.64 -13.82 -24.25
CA ASP A 426 9.79 -13.79 -25.70
C ASP A 426 10.72 -12.68 -26.18
N ALA A 427 10.70 -11.55 -25.47
CA ALA A 427 11.51 -10.40 -25.87
C ALA A 427 13.00 -10.64 -25.61
N ASN A 428 13.30 -11.59 -24.73
CA ASN A 428 14.68 -11.88 -24.34
C ASN A 428 15.13 -13.28 -24.76
N GLY A 429 14.23 -14.05 -25.36
CA GLY A 429 14.54 -15.39 -25.81
C GLY A 429 14.97 -16.31 -24.69
N ILE A 430 14.32 -16.16 -23.54
CA ILE A 430 14.64 -16.93 -22.35
C ILE A 430 13.38 -17.67 -21.86
N ASN A 431 13.59 -18.79 -21.17
CA ASN A 431 12.47 -19.57 -20.64
C ASN A 431 12.11 -19.15 -19.22
N LEU A 432 10.86 -18.80 -19.01
CA LEU A 432 10.37 -18.36 -17.69
C LEU A 432 9.16 -19.16 -17.26
N ASP A 433 9.06 -20.40 -17.71
CA ASP A 433 7.95 -21.27 -17.36
C ASP A 433 7.84 -21.48 -15.85
N GLN A 434 8.98 -21.71 -15.21
CA GLN A 434 9.01 -21.94 -13.76
C GLN A 434 8.71 -20.67 -12.98
N PHE A 435 8.99 -19.52 -13.60
CA PHE A 435 8.75 -18.23 -12.96
C PHE A 435 7.27 -18.04 -12.68
N ALA A 436 6.43 -18.74 -13.44
CA ALA A 436 4.98 -18.66 -13.29
C ALA A 436 4.52 -19.01 -11.87
N LEU A 437 5.32 -19.78 -11.16
CA LEU A 437 4.96 -20.24 -9.82
C LEU A 437 4.91 -19.07 -8.82
N TRP A 438 5.59 -17.98 -9.15
CA TRP A 438 5.55 -16.79 -8.30
C TRP A 438 4.16 -16.18 -8.27
N TYR A 439 3.35 -16.50 -9.27
CA TYR A 439 1.99 -15.98 -9.37
C TYR A 439 0.95 -16.92 -8.75
N SER A 440 1.24 -18.22 -8.77
CA SER A 440 0.25 -19.23 -8.40
C SER A 440 0.48 -19.84 -7.02
N GLN A 441 1.73 -19.81 -6.54
CA GLN A 441 2.06 -20.39 -5.25
C GLN A 441 2.18 -19.32 -4.16
N ALA A 442 1.34 -19.43 -3.14
CA ALA A 442 1.38 -18.52 -2.00
C ALA A 442 2.42 -18.97 -0.99
N GLY A 443 2.66 -18.13 0.01
CA GLY A 443 3.59 -18.43 1.08
C GLY A 443 4.98 -17.87 0.83
N THR A 444 5.70 -17.58 1.90
CA THR A 444 7.07 -17.09 1.83
C THR A 444 8.04 -18.26 1.71
N PRO A 445 8.80 -18.34 0.60
CA PRO A 445 9.78 -19.43 0.51
C PRO A 445 10.84 -19.34 1.60
N VAL A 446 11.31 -20.50 2.07
CA VAL A 446 12.34 -20.56 3.11
C VAL A 446 13.60 -21.20 2.56
N LEU A 447 14.70 -20.46 2.61
CA LEU A 447 15.99 -20.93 2.12
C LEU A 447 16.91 -21.33 3.27
N GLU A 448 17.41 -22.56 3.21
CA GLU A 448 18.39 -23.04 4.17
C GLU A 448 19.76 -23.14 3.48
N ALA A 449 20.69 -22.28 3.88
CA ALA A 449 21.97 -22.16 3.20
C ALA A 449 23.12 -22.67 4.06
N GLU A 450 24.04 -23.41 3.42
CA GLU A 450 25.23 -23.93 4.07
C GLU A 450 26.46 -23.53 3.27
N GLY A 451 27.54 -23.17 3.96
CA GLY A 451 28.77 -22.73 3.30
C GLY A 451 30.01 -23.38 3.86
N ARG A 452 30.89 -23.83 2.97
CA ARG A 452 32.15 -24.45 3.36
C ARG A 452 33.23 -24.19 2.32
N LEU A 453 34.38 -23.78 2.76
CA LEU A 453 35.48 -23.54 1.85
C LEU A 453 36.42 -24.73 1.85
N LYS A 454 36.45 -25.47 0.76
CA LYS A 454 37.32 -26.61 0.65
C LYS A 454 38.08 -26.54 -0.63
N ASN A 455 39.39 -26.72 -0.47
CA ASN A 455 40.31 -26.49 -1.55
C ASN A 455 40.19 -25.03 -1.81
N ASN A 456 39.98 -24.64 -3.03
CA ASN A 456 39.83 -23.24 -3.34
C ASN A 456 38.46 -22.87 -3.82
N ILE A 457 37.52 -23.67 -3.41
CA ILE A 457 36.11 -23.55 -3.80
C ILE A 457 35.26 -23.29 -2.57
N PHE A 458 34.46 -22.22 -2.62
CA PHE A 458 33.47 -21.98 -1.59
C PHE A 458 32.16 -22.64 -2.00
N GLU A 459 31.86 -23.79 -1.42
CA GLU A 459 30.67 -24.55 -1.76
C GLU A 459 29.46 -24.02 -1.01
N LEU A 460 28.57 -23.34 -1.73
CA LEU A 460 27.34 -22.83 -1.15
C LEU A 460 26.17 -23.74 -1.50
N THR A 461 25.74 -24.55 -0.54
CA THR A 461 24.58 -25.41 -0.71
C THR A 461 23.33 -24.67 -0.23
N VAL A 462 22.31 -24.65 -1.07
CA VAL A 462 21.07 -23.93 -0.75
C VAL A 462 19.85 -24.80 -1.02
N LYS A 463 19.03 -24.98 0.01
CA LYS A 463 17.78 -25.71 -0.10
C LYS A 463 16.62 -24.73 -0.11
N GLN A 464 15.51 -25.12 -0.73
CA GLN A 464 14.30 -24.31 -0.70
C GLN A 464 13.07 -25.16 -0.42
N THR A 465 12.14 -24.58 0.32
CA THR A 465 10.84 -25.19 0.54
C THR A 465 9.83 -24.07 0.74
N VAL A 466 8.59 -24.33 0.34
CA VAL A 466 7.51 -23.37 0.53
C VAL A 466 6.43 -24.06 1.35
N PRO A 467 6.05 -23.46 2.50
CA PRO A 467 5.05 -24.13 3.34
C PRO A 467 3.68 -24.19 2.69
N PRO A 468 2.86 -25.20 3.03
CA PRO A 468 1.46 -25.19 2.60
C PRO A 468 0.72 -23.95 3.05
N THR A 469 -0.28 -23.54 2.28
CA THR A 469 -1.17 -22.44 2.66
C THR A 469 -2.61 -22.92 2.57
N PRO A 470 -3.55 -22.20 3.20
CA PRO A 470 -4.94 -22.65 3.24
C PRO A 470 -5.53 -22.99 1.87
N ASP A 471 -4.97 -22.39 0.82
CA ASP A 471 -5.48 -22.59 -0.54
C ASP A 471 -4.78 -23.74 -1.27
N THR A 473 -1.60 -27.07 -0.78
CA THR A 473 -0.61 -27.83 -0.03
C THR A 473 0.66 -28.04 -0.85
N ASP A 474 0.49 -28.51 -2.08
CA ASP A 474 1.62 -28.78 -2.96
C ASP A 474 2.31 -27.50 -3.39
N LYS A 475 3.62 -27.41 -3.11
CA LYS A 475 4.43 -26.28 -3.51
C LYS A 475 5.73 -26.78 -4.15
N GLN A 476 5.86 -26.60 -5.46
CA GLN A 476 7.03 -27.09 -6.19
C GLN A 476 8.19 -26.10 -6.09
N PRO A 477 9.41 -26.57 -6.40
CA PRO A 477 10.57 -25.67 -6.38
C PRO A 477 10.40 -24.47 -7.31
N ILE A 480 14.44 -18.90 -7.93
CA ILE A 480 14.80 -17.94 -6.89
C ILE A 480 16.22 -17.39 -7.09
N PRO A 481 16.33 -16.13 -7.56
CA PRO A 481 17.66 -15.55 -7.74
C PRO A 481 18.27 -15.09 -6.42
N VAL A 482 19.48 -15.56 -6.12
CA VAL A 482 20.17 -15.20 -4.89
C VAL A 482 21.48 -14.49 -5.21
N LYS A 483 21.47 -13.16 -5.07
CA LYS A 483 22.68 -12.37 -5.31
C LYS A 483 23.64 -12.55 -4.14
N VAL A 484 24.91 -12.81 -4.45
CA VAL A 484 25.88 -13.18 -3.42
C VAL A 484 27.23 -12.48 -3.57
N GLY A 485 27.94 -12.38 -2.45
CA GLY A 485 29.28 -11.82 -2.42
C GLY A 485 30.08 -12.46 -1.29
N LEU A 486 31.36 -12.12 -1.22
CA LEU A 486 32.26 -12.70 -0.21
C LEU A 486 33.12 -11.62 0.44
N LEU A 487 33.31 -11.73 1.76
CA LEU A 487 34.16 -10.82 2.50
C LEU A 487 35.24 -11.58 3.27
N ASN A 488 36.46 -11.05 3.26
CA ASN A 488 37.55 -11.66 4.02
C ASN A 488 37.50 -11.22 5.48
N ARG A 489 38.52 -11.60 6.24
CA ARG A 489 38.58 -11.27 7.66
C ARG A 489 38.60 -9.76 7.90
N ASN A 490 39.10 -9.01 6.92
CA ASN A 490 39.14 -7.55 7.01
C ASN A 490 37.91 -6.90 6.38
N GLY A 491 36.95 -7.72 5.97
CA GLY A 491 35.71 -7.22 5.40
C GLY A 491 35.87 -6.66 4.00
N GLU A 492 36.98 -7.01 3.35
CA GLU A 492 37.23 -6.55 1.99
C GLU A 492 36.58 -7.49 0.98
N ALA A 493 36.20 -6.94 -0.17
CA ALA A 493 35.57 -7.72 -1.23
C ALA A 493 36.52 -8.79 -1.76
N VAL A 494 36.03 -10.03 -1.85
CA VAL A 494 36.82 -11.15 -2.33
C VAL A 494 36.27 -11.65 -3.68
N ALA A 495 37.17 -11.84 -4.63
CA ALA A 495 36.78 -12.27 -5.98
C ALA A 495 36.62 -13.79 -6.02
N PHE A 496 35.82 -14.26 -6.98
CA PHE A 496 35.61 -15.68 -7.18
C PHE A 496 35.16 -15.96 -8.60
N ASP A 497 35.29 -17.22 -9.04
CA ASP A 497 34.91 -17.62 -10.39
C ASP A 497 33.60 -18.38 -10.38
N TYR A 498 32.58 -17.83 -11.05
CA TYR A 498 31.31 -18.52 -11.23
C TYR A 498 31.01 -18.72 -12.71
N GLN A 499 30.80 -19.97 -13.08
CA GLN A 499 30.57 -20.40 -14.46
C GLN A 499 31.33 -19.57 -15.49
N GLY A 500 32.64 -19.44 -15.28
CA GLY A 500 33.51 -18.78 -16.24
C GLY A 500 33.43 -17.27 -16.19
N LYS A 501 33.67 -16.70 -15.02
CA LYS A 501 33.68 -15.25 -14.86
C LYS A 501 34.18 -14.86 -13.47
N ARG A 502 35.30 -14.14 -13.42
CA ARG A 502 35.88 -13.72 -12.15
C ARG A 502 35.37 -12.35 -11.73
N ALA A 503 34.21 -12.33 -11.09
CA ALA A 503 33.63 -11.09 -10.57
C ALA A 503 33.62 -11.11 -9.04
N THR A 504 33.22 -10.00 -8.44
CA THR A 504 33.12 -9.90 -6.99
C THR A 504 31.67 -10.10 -6.53
N GLU A 505 30.79 -10.39 -7.49
CA GLU A 505 29.37 -10.56 -7.21
C GLU A 505 28.71 -11.38 -8.31
N ALA A 506 27.72 -12.17 -7.93
CA ALA A 506 27.02 -13.02 -8.90
C ALA A 506 25.60 -13.34 -8.44
N VAL A 507 24.73 -13.58 -9.41
CA VAL A 507 23.36 -14.00 -9.13
C VAL A 507 23.26 -15.52 -9.26
N LEU A 508 23.15 -16.19 -8.12
CA LEU A 508 22.99 -17.64 -8.09
C LEU A 508 21.52 -18.00 -8.27
N LEU A 509 21.22 -18.68 -9.38
CA LEU A 509 19.85 -18.99 -9.73
C LEU A 509 19.42 -20.35 -9.20
N LEU A 510 18.70 -20.34 -8.09
CA LEU A 510 18.19 -21.56 -7.48
C LEU A 510 16.86 -21.96 -8.13
N THR A 511 16.83 -23.12 -8.77
CA THR A 511 15.65 -23.58 -9.49
C THR A 511 15.14 -24.93 -8.97
N GLU A 512 15.98 -25.62 -8.19
CA GLU A 512 15.62 -26.94 -7.68
C GLU A 512 15.48 -26.94 -6.16
N ALA A 513 15.00 -28.05 -5.62
CA ALA A 513 14.79 -28.20 -4.18
C ALA A 513 16.09 -27.97 -3.42
N GLU A 514 17.19 -28.46 -3.99
CA GLU A 514 18.50 -28.33 -3.38
C GLU A 514 19.58 -28.23 -4.47
N GLN A 515 20.40 -27.19 -4.37
CA GLN A 515 21.51 -27.00 -5.30
C GLN A 515 22.78 -26.60 -4.56
N THR A 516 23.92 -26.97 -5.14
CA THR A 516 25.22 -26.56 -4.61
C THR A 516 25.91 -25.66 -5.63
N PHE A 517 26.25 -24.44 -5.20
CA PHE A 517 26.91 -23.47 -6.06
C PHE A 517 28.40 -23.43 -5.76
N LEU A 518 29.21 -23.55 -6.80
CA LEU A 518 30.67 -23.61 -6.65
C LEU A 518 31.33 -22.28 -6.98
N LEU A 519 31.67 -21.53 -5.95
CA LEU A 519 32.39 -20.26 -6.11
C LEU A 519 33.89 -20.53 -6.08
N GLU A 520 34.46 -20.75 -7.26
CA GLU A 520 35.84 -21.22 -7.37
C GLU A 520 36.85 -20.08 -7.32
N GLY A 521 38.10 -20.42 -6.98
CA GLY A 521 39.19 -19.46 -7.00
C GLY A 521 39.31 -18.61 -5.75
N VAL A 522 38.71 -19.06 -4.66
CA VAL A 522 38.79 -18.36 -3.39
C VAL A 522 40.07 -18.77 -2.66
N THR A 523 40.96 -17.81 -2.44
CA THR A 523 42.29 -18.09 -1.90
C THR A 523 42.44 -17.65 -0.44
N GLU A 524 41.31 -17.51 0.25
CA GLU A 524 41.34 -17.09 1.66
C GLU A 524 40.00 -17.35 2.35
N ALA A 525 40.01 -17.27 3.67
CA ALA A 525 38.79 -17.43 4.46
C ALA A 525 37.79 -16.34 4.11
N VAL A 526 36.52 -16.73 3.96
CA VAL A 526 35.49 -15.80 3.54
C VAL A 526 34.20 -15.93 4.36
N VAL A 527 33.49 -14.82 4.47
CA VAL A 527 32.14 -14.79 5.03
C VAL A 527 31.19 -14.39 3.91
N PRO A 528 30.15 -15.20 3.64
CA PRO A 528 29.29 -14.91 2.51
C PRO A 528 28.28 -13.80 2.76
N SER A 529 28.14 -12.91 1.78
CA SER A 529 27.07 -11.91 1.77
C SER A 529 25.94 -12.44 0.87
N LEU A 530 24.77 -12.69 1.47
CA LEU A 530 23.71 -13.43 0.80
C LEU A 530 22.43 -12.61 0.57
N LEU A 531 21.79 -12.87 -0.57
CA LEU A 531 20.50 -12.27 -0.89
C LEU A 531 20.62 -10.74 -0.98
N ARG A 532 21.71 -10.28 -1.58
CA ARG A 532 22.00 -8.85 -1.69
C ARG A 532 20.88 -8.09 -2.38
N GLY A 533 20.52 -6.93 -1.81
CA GLY A 533 19.46 -6.11 -2.34
C GLY A 533 18.10 -6.76 -2.20
N PHE A 534 18.04 -7.82 -1.39
CA PHE A 534 16.83 -8.61 -1.23
C PHE A 534 16.40 -9.14 -2.60
N SER A 535 17.29 -9.89 -3.23
CA SER A 535 17.12 -10.32 -4.61
C SER A 535 15.90 -11.19 -4.83
N ALA A 536 15.31 -11.69 -3.74
CA ALA A 536 14.10 -12.48 -3.82
C ALA A 536 13.32 -12.38 -2.51
N PRO A 537 11.98 -12.38 -2.58
CA PRO A 537 11.16 -12.24 -1.37
C PRO A 537 11.08 -13.55 -0.58
N VAL A 538 12.11 -13.81 0.22
CA VAL A 538 12.25 -15.11 0.89
C VAL A 538 12.83 -14.96 2.30
N HIS A 539 12.73 -16.05 3.07
CA HIS A 539 13.41 -16.17 4.36
C HIS A 539 14.71 -16.94 4.19
N LEU A 540 15.83 -16.28 4.46
CA LEU A 540 17.14 -16.92 4.36
C LEU A 540 17.68 -17.27 5.74
N ASN A 541 18.04 -18.53 5.92
CA ASN A 541 18.69 -19.00 7.14
C ASN A 541 20.10 -19.46 6.85
N TYR A 542 21.08 -18.78 7.43
CA TYR A 542 22.48 -19.15 7.31
C TYR A 542 23.13 -19.11 8.69
N PRO A 543 24.01 -20.08 8.99
CA PRO A 543 24.58 -20.10 10.35
C PRO A 543 25.67 -19.04 10.53
N TYR A 544 25.25 -17.81 10.80
CA TYR A 544 26.17 -16.73 11.11
C TYR A 544 26.45 -16.67 12.60
N SER A 545 27.73 -16.50 12.96
CA SER A 545 28.08 -16.20 14.34
C SER A 545 27.80 -14.72 14.56
N ASP A 546 27.78 -14.29 15.82
CA ASP A 546 27.59 -12.88 16.12
C ASP A 546 28.69 -12.06 15.46
N ASP A 547 29.92 -12.56 15.53
CA ASP A 547 31.06 -11.87 14.95
C ASP A 547 30.93 -11.74 13.43
N ASP A 548 30.33 -12.75 12.80
CA ASP A 548 30.10 -12.71 11.36
C ASP A 548 29.16 -11.57 11.01
N LEU A 549 28.16 -11.36 11.86
CA LEU A 549 27.18 -10.31 11.63
C LEU A 549 27.82 -8.93 11.85
N LEU A 550 28.71 -8.85 12.82
CA LEU A 550 29.44 -7.61 13.09
C LEU A 550 30.27 -7.23 11.87
N LEU A 551 30.85 -8.24 11.23
CA LEU A 551 31.70 -8.03 10.06
C LEU A 551 30.86 -7.53 8.88
N LEU A 552 29.72 -8.18 8.65
CA LEU A 552 28.83 -7.80 7.58
C LEU A 552 28.28 -6.39 7.79
N LEU A 553 27.90 -6.09 9.03
CA LEU A 553 27.35 -4.78 9.36
C LEU A 553 28.38 -3.68 9.16
N ALA A 554 29.65 -4.02 9.35
CA ALA A 554 30.71 -3.02 9.40
C ALA A 554 31.38 -2.75 8.04
N HIS A 555 31.44 -3.77 7.19
CA HIS A 555 32.31 -3.71 6.01
C HIS A 555 31.65 -4.15 4.69
N ASP A 556 30.45 -4.72 4.75
CA ASP A 556 29.80 -5.16 3.52
C ASP A 556 29.46 -3.96 2.64
N SER A 557 29.30 -4.21 1.34
CA SER A 557 29.10 -3.13 0.37
C SER A 557 27.63 -2.94 0.00
N ASP A 558 26.82 -3.97 0.24
CA ASP A 558 25.40 -3.92 -0.09
C ASP A 558 24.59 -3.41 1.10
N ALA A 559 23.69 -2.46 0.84
CA ALA A 559 22.93 -1.80 1.89
C ALA A 559 22.07 -2.79 2.69
N PHE A 560 21.35 -3.66 1.98
CA PHE A 560 20.42 -4.57 2.63
C PHE A 560 21.13 -5.55 3.56
N THR A 561 22.22 -6.15 3.10
CA THR A 561 22.91 -7.17 3.88
C THR A 561 23.51 -6.57 5.15
N ARG A 562 24.00 -5.34 5.06
CA ARG A 562 24.47 -4.62 6.25
C ARG A 562 23.30 -4.46 7.22
N TRP A 563 22.18 -3.99 6.69
CA TRP A 563 20.99 -3.74 7.48
C TRP A 563 20.41 -5.03 8.06
N GLU A 564 20.41 -6.09 7.25
CA GLU A 564 19.89 -7.38 7.69
C GLU A 564 20.75 -7.97 8.80
N ALA A 565 22.04 -7.67 8.78
CA ALA A 565 22.95 -8.13 9.82
C ALA A 565 22.58 -7.47 11.15
N ALA A 566 22.33 -6.16 11.11
CA ALA A 566 21.91 -5.43 12.29
C ALA A 566 20.56 -5.96 12.80
N GLN A 567 19.64 -6.17 11.87
CA GLN A 567 18.33 -6.73 12.18
C GLN A 567 18.45 -8.06 12.91
N THR A 568 19.39 -8.89 12.46
CA THR A 568 19.59 -10.21 13.06
C THR A 568 20.09 -10.09 14.49
N LEU A 569 21.03 -9.18 14.72
CA LEU A 569 21.57 -8.97 16.05
C LEU A 569 20.49 -8.50 17.01
N TYR A 570 19.63 -7.60 16.54
CA TYR A 570 18.48 -7.15 17.33
C TYR A 570 17.55 -8.31 17.63
N ARG A 571 17.29 -9.12 16.59
CA ARG A 571 16.39 -10.26 16.69
C ARG A 571 16.89 -11.27 17.72
N ARG A 572 18.18 -11.55 17.67
CA ARG A 572 18.80 -12.48 18.61
C ARG A 572 18.78 -11.91 20.03
N ALA A 573 18.93 -10.60 20.13
CA ALA A 573 18.93 -9.93 21.43
C ALA A 573 17.56 -10.04 22.09
N VAL A 574 16.50 -9.83 21.31
CA VAL A 574 15.14 -9.96 21.82
C VAL A 574 14.89 -11.40 22.25
N ALA A 575 15.44 -12.35 21.50
CA ALA A 575 15.30 -13.76 21.84
C ALA A 575 15.94 -14.06 23.19
N ALA A 576 17.06 -13.40 23.47
CA ALA A 576 17.75 -13.56 24.74
C ALA A 576 16.93 -12.96 25.87
N ASN A 577 16.31 -11.81 25.60
CA ASN A 577 15.45 -11.16 26.59
C ASN A 577 14.26 -12.05 26.96
N LEU A 578 13.65 -12.66 25.96
CA LEU A 578 12.52 -13.57 26.19
C LEU A 578 12.91 -14.69 27.13
N ALA A 579 14.11 -15.23 26.94
CA ALA A 579 14.60 -16.35 27.74
C ALA A 579 14.76 -15.95 29.20
N THR A 580 15.43 -14.82 29.44
CA THR A 580 15.71 -14.37 30.80
C THR A 580 14.44 -13.94 31.53
N LEU A 581 13.57 -13.23 30.83
CA LEU A 581 12.30 -12.78 31.42
C LEU A 581 11.43 -13.98 31.77
N SER A 582 11.56 -15.05 30.98
CA SER A 582 10.79 -16.26 31.21
C SER A 582 11.36 -17.06 32.38
N ASP A 583 12.69 -17.11 32.46
CA ASP A 583 13.36 -17.83 33.55
C ASP A 583 13.36 -17.01 34.84
N GLY A 584 12.93 -15.76 34.74
CA GLY A 584 12.85 -14.89 35.91
C GLY A 584 14.21 -14.52 36.47
N VAL A 585 15.10 -14.07 35.59
CA VAL A 585 16.44 -13.64 35.98
C VAL A 585 16.79 -12.30 35.34
N GLU A 586 17.99 -11.81 35.63
CA GLU A 586 18.44 -10.53 35.12
C GLU A 586 18.52 -10.55 33.59
N LEU A 587 18.37 -9.38 32.97
CA LEU A 587 18.45 -9.27 31.52
C LEU A 587 19.88 -9.59 31.04
N PRO A 588 20.01 -10.04 29.77
CA PRO A 588 21.35 -10.29 29.22
C PRO A 588 22.19 -9.02 29.12
N LYS A 589 23.47 -9.18 28.80
CA LYS A 589 24.38 -8.05 28.69
C LYS A 589 24.31 -7.43 27.29
N HIS A 590 24.10 -8.27 26.28
CA HIS A 590 24.09 -7.83 24.89
C HIS A 590 25.40 -7.11 24.55
N GLU A 591 26.51 -7.65 25.04
CA GLU A 591 27.81 -7.01 24.91
C GLU A 591 28.16 -6.67 23.47
N LYS A 592 28.01 -7.64 22.57
CA LYS A 592 28.42 -7.47 21.18
C LYS A 592 27.42 -6.59 20.41
N LEU A 593 26.16 -6.63 20.83
CA LEU A 593 25.16 -5.76 20.22
C LEU A 593 25.49 -4.30 20.51
N LEU A 594 25.67 -4.01 21.80
CA LEU A 594 25.96 -2.65 22.24
C LEU A 594 27.24 -2.13 21.59
N ALA A 595 28.20 -3.03 21.38
CA ALA A 595 29.44 -2.67 20.71
C ALA A 595 29.16 -2.29 19.26
N ALA A 596 28.27 -3.04 18.62
CA ALA A 596 27.91 -2.78 17.23
C ALA A 596 27.20 -1.45 17.08
N VAL A 597 26.23 -1.20 17.96
CA VAL A 597 25.46 0.03 17.91
C VAL A 597 26.36 1.24 18.15
N GLU A 598 27.28 1.11 19.10
CA GLU A 598 28.22 2.18 19.39
C GLU A 598 29.02 2.54 18.13
N LYS A 599 29.41 1.53 17.37
CA LYS A 599 30.12 1.73 16.12
C LYS A 599 29.25 2.45 15.11
N VAL A 600 27.98 2.06 15.02
CA VAL A 600 27.03 2.69 14.11
C VAL A 600 26.85 4.16 14.47
N ILE A 601 26.55 4.43 15.74
CA ILE A 601 26.34 5.78 16.22
C ILE A 601 27.52 6.70 15.90
N SER A 602 28.73 6.21 16.15
CA SER A 602 29.94 7.02 16.04
C SER A 602 30.48 7.11 14.60
N ASP A 603 29.97 6.27 13.71
CA ASP A 603 30.42 6.28 12.32
C ASP A 603 29.81 7.47 11.59
N ASP A 604 30.65 8.46 11.28
CA ASP A 604 30.20 9.67 10.62
C ASP A 604 30.18 9.53 9.10
N LEU A 605 30.68 8.39 8.60
CA LEU A 605 30.71 8.13 7.17
C LEU A 605 29.42 7.47 6.70
N LEU A 606 28.57 7.09 7.64
CA LEU A 606 27.26 6.51 7.32
C LEU A 606 26.29 7.59 6.91
N ASP A 607 25.50 7.31 5.87
CA ASP A 607 24.40 8.19 5.49
C ASP A 607 23.43 8.29 6.66
N ASN A 608 22.97 9.50 6.94
CA ASN A 608 22.12 9.76 8.10
C ASN A 608 20.83 8.93 8.08
N ALA A 609 20.21 8.82 6.92
CA ALA A 609 18.97 8.07 6.80
C ALA A 609 19.24 6.57 6.91
N PHE A 610 20.39 6.13 6.42
CA PHE A 610 20.76 4.72 6.53
C PHE A 610 21.14 4.38 7.96
N LYS A 611 21.80 5.32 8.63
CA LYS A 611 22.13 5.15 10.04
C LYS A 611 20.84 4.98 10.86
N ALA A 612 19.84 5.79 10.53
CA ALA A 612 18.56 5.74 11.23
C ALA A 612 17.92 4.36 11.12
N LEU A 613 18.04 3.74 9.95
CA LEU A 613 17.49 2.41 9.73
C LEU A 613 18.24 1.35 10.53
N LEU A 614 19.55 1.50 10.58
CA LEU A 614 20.39 0.56 11.34
C LEU A 614 20.06 0.61 12.84
N LEU A 615 19.48 1.72 13.27
CA LEU A 615 19.13 1.89 14.69
C LEU A 615 17.67 1.56 14.94
N GLY A 616 17.01 0.94 13.96
CA GLY A 616 15.63 0.52 14.10
C GLY A 616 15.51 -0.93 14.51
N VAL A 617 14.63 -1.20 15.48
CA VAL A 617 14.42 -2.56 15.98
C VAL A 617 13.22 -3.20 15.28
N PRO A 618 13.32 -4.49 14.91
CA PRO A 618 12.17 -5.17 14.28
C PRO A 618 10.90 -5.11 15.11
N SER A 619 9.75 -5.06 14.45
CA SER A 619 8.46 -5.00 15.13
C SER A 619 8.16 -6.31 15.84
N GLU A 620 7.18 -6.28 16.72
CA GLU A 620 6.75 -7.48 17.44
C GLU A 620 6.33 -8.59 16.45
N ALA A 621 5.66 -8.19 15.38
CA ALA A 621 5.18 -9.15 14.39
C ALA A 621 6.35 -9.90 13.74
N GLU A 622 7.43 -9.18 13.47
CA GLU A 622 8.64 -9.81 12.94
C GLU A 622 9.24 -10.75 13.95
N LEU A 623 9.13 -10.39 15.23
CA LEU A 623 9.79 -11.11 16.30
C LEU A 623 9.10 -12.43 16.65
N TRP A 624 7.77 -12.46 16.55
CA TRP A 624 7.04 -13.70 16.82
C TRP A 624 6.67 -14.43 15.53
N ASP A 625 7.34 -14.08 14.44
CA ASP A 625 7.14 -14.77 13.17
C ASP A 625 7.51 -16.24 13.30
N GLY A 626 6.63 -17.12 12.85
CA GLY A 626 6.87 -18.55 12.88
C GLY A 626 6.86 -19.12 14.28
N ALA A 627 6.08 -18.50 15.16
CA ALA A 627 5.96 -18.95 16.55
C ALA A 627 4.56 -19.48 16.83
N GLU A 628 4.47 -20.43 17.76
CA GLU A 628 3.21 -21.00 18.19
C GLU A 628 2.84 -20.53 19.58
N ASN A 629 1.54 -20.44 19.86
CA ASN A 629 1.07 -20.10 21.20
C ASN A 629 1.67 -18.78 21.69
N ILE A 630 1.42 -17.73 20.93
CA ILE A 630 2.03 -16.43 21.17
C ILE A 630 1.32 -15.64 22.27
N ASP A 631 2.11 -15.13 23.22
CA ASP A 631 1.65 -14.09 24.15
C ASP A 631 2.23 -12.76 23.68
N PRO A 632 1.45 -11.97 22.93
CA PRO A 632 1.95 -10.72 22.34
C PRO A 632 2.59 -9.78 23.36
N LEU A 633 2.14 -9.83 24.60
CA LEU A 633 2.67 -8.95 25.64
C LEU A 633 4.08 -9.37 26.07
N ARG A 634 4.38 -10.66 26.00
CA ARG A 634 5.71 -11.14 26.34
C ARG A 634 6.73 -10.66 25.31
N TYR A 635 6.36 -10.73 24.04
CA TYR A 635 7.20 -10.22 22.97
C TYR A 635 7.33 -8.70 23.09
N HIS A 636 6.23 -8.05 23.44
CA HIS A 636 6.24 -6.62 23.67
C HIS A 636 7.20 -6.28 24.80
N GLN A 637 7.12 -7.04 25.88
CA GLN A 637 7.97 -6.82 27.04
C GLN A 637 9.44 -6.95 26.68
N ALA A 638 9.77 -7.99 25.90
CA ALA A 638 11.15 -8.24 25.52
C ALA A 638 11.69 -7.13 24.63
N ARG A 639 10.87 -6.67 23.69
CA ARG A 639 11.28 -5.60 22.78
C ARG A 639 11.45 -4.29 23.54
N GLU A 640 10.49 -3.98 24.42
CA GLU A 640 10.54 -2.76 25.21
C GLU A 640 11.80 -2.74 26.08
N ALA A 641 12.15 -3.89 26.63
CA ALA A 641 13.31 -4.01 27.51
C ALA A 641 14.60 -3.72 26.73
N LEU A 642 14.63 -4.14 25.47
CA LEU A 642 15.80 -3.89 24.62
C LEU A 642 15.90 -2.40 24.30
N LEU A 643 14.77 -1.76 24.04
CA LEU A 643 14.73 -0.35 23.73
C LEU A 643 15.14 0.49 24.94
N ASP A 644 14.73 0.04 26.13
CA ASP A 644 15.13 0.72 27.36
C ASP A 644 16.63 0.61 27.56
N THR A 645 17.19 -0.55 27.26
CA THR A 645 18.62 -0.77 27.42
C THR A 645 19.41 0.13 26.47
N LEU A 646 19.02 0.13 25.19
CA LEU A 646 19.67 0.97 24.19
C LEU A 646 19.49 2.46 24.53
N ALA A 647 18.31 2.81 25.02
CA ALA A 647 18.00 4.19 25.36
C ALA A 647 18.86 4.71 26.49
N VAL A 648 18.91 3.96 27.59
CA VAL A 648 19.63 4.40 28.79
C VAL A 648 21.14 4.29 28.60
N HIS A 649 21.58 3.22 27.93
CA HIS A 649 23.01 2.98 27.79
C HIS A 649 23.72 4.04 26.95
N PHE A 650 23.05 4.51 25.89
CA PHE A 650 23.64 5.48 24.98
C PHE A 650 23.03 6.87 25.12
N LEU A 651 22.42 7.17 26.27
CA LEU A 651 21.66 8.40 26.45
C LEU A 651 22.49 9.65 26.13
N PRO A 652 23.71 9.76 26.70
CA PRO A 652 24.54 10.92 26.35
C PRO A 652 24.82 11.04 24.86
N LYS A 653 24.98 9.90 24.18
CA LYS A 653 25.31 9.91 22.77
C LYS A 653 24.09 10.14 21.88
N TRP A 654 22.91 9.83 22.40
CA TRP A 654 21.67 10.14 21.69
C TRP A 654 21.50 11.66 21.62
N HIS A 655 21.86 12.35 22.70
CA HIS A 655 21.86 13.81 22.74
C HIS A 655 22.89 14.37 21.76
N GLU A 656 24.10 13.83 21.83
CA GLU A 656 25.20 14.27 20.97
C GLU A 656 24.84 14.11 19.50
N LEU A 657 24.27 12.96 19.16
CA LEU A 657 23.89 12.70 17.78
C LEU A 657 22.72 13.59 17.39
N ASN A 658 21.83 13.86 18.34
CA ASN A 658 20.74 14.80 18.12
C ASN A 658 21.29 16.18 17.81
N ARG A 659 22.26 16.62 18.60
CA ARG A 659 22.91 17.91 18.39
C ARG A 659 23.55 17.99 17.00
N GLN A 660 24.26 16.94 16.62
CA GLN A 660 24.90 16.87 15.31
C GLN A 660 23.89 17.06 14.19
N ALA A 661 22.74 16.40 14.30
CA ALA A 661 21.74 16.42 13.26
C ALA A 661 21.04 17.78 13.18
N ALA A 662 20.89 18.43 14.32
CA ALA A 662 20.26 19.75 14.37
C ALA A 662 21.13 20.80 13.69
N LYS A 663 22.45 20.67 13.88
CA LYS A 663 23.39 21.60 13.28
C LYS A 663 23.44 21.45 11.76
N GLN A 664 23.39 20.20 11.29
CA GLN A 664 23.49 19.91 9.87
C GLN A 664 22.19 20.23 9.14
N GLU A 665 21.07 20.18 9.85
CA GLU A 665 19.78 20.56 9.27
C GLU A 665 19.87 22.00 8.76
N ASN A 666 20.56 22.83 9.54
CA ASN A 666 20.88 24.18 9.11
C ASN A 666 19.66 25.03 8.82
N GLN A 667 18.62 24.86 9.64
CA GLN A 667 17.40 25.66 9.55
C GLN A 667 16.73 25.56 8.18
N SER A 668 17.00 24.46 7.47
CA SER A 668 16.35 24.20 6.19
C SER A 668 15.10 23.36 6.41
N TYR A 669 14.00 24.03 6.76
CA TYR A 669 12.82 23.35 7.28
C TYR A 669 11.89 22.82 6.17
N GLU A 670 12.06 23.32 4.96
CA GLU A 670 11.27 22.82 3.83
C GLU A 670 11.70 21.41 3.48
N TYR A 671 10.86 20.68 2.77
CA TYR A 671 11.19 19.31 2.43
C TYR A 671 12.32 19.24 1.41
N SER A 672 13.24 18.34 1.67
CA SER A 672 14.27 17.96 0.71
C SER A 672 14.86 16.63 1.20
N PRO A 673 15.26 15.75 0.28
CA PRO A 673 15.84 14.47 0.72
C PRO A 673 17.02 14.65 1.67
N GLU A 674 17.79 15.72 1.44
CA GLU A 674 18.96 16.01 2.27
C GLU A 674 18.55 16.34 3.71
N ALA A 675 17.74 17.38 3.87
CA ALA A 675 17.29 17.81 5.19
C ALA A 675 16.45 16.74 5.88
N ALA A 676 15.69 15.99 5.10
CA ALA A 676 14.83 14.95 5.63
C ALA A 676 15.66 13.88 6.34
N GLY A 677 16.84 13.60 5.79
CA GLY A 677 17.71 12.58 6.35
C GLY A 677 18.14 12.93 7.77
N TRP A 678 18.50 14.19 7.98
CA TRP A 678 18.94 14.65 9.29
C TRP A 678 17.80 14.61 10.30
N ARG A 679 16.61 14.99 9.86
CA ARG A 679 15.44 15.01 10.75
C ARG A 679 15.03 13.59 11.12
N THR A 680 15.12 12.68 10.17
CA THR A 680 14.81 11.27 10.43
C THR A 680 15.72 10.74 11.53
N LEU A 681 17.02 11.00 11.37
CA LEU A 681 18.00 10.60 12.38
C LEU A 681 17.71 11.31 13.69
N ARG A 682 17.37 12.58 13.61
CA ARG A 682 17.08 13.39 14.79
C ARG A 682 15.92 12.81 15.61
N ASN A 683 14.89 12.36 14.92
CA ASN A 683 13.69 11.85 15.59
C ASN A 683 13.93 10.48 16.24
N VAL A 684 14.86 9.71 15.68
CA VAL A 684 15.26 8.46 16.32
C VAL A 684 15.91 8.75 17.67
N CYS A 685 16.75 9.79 17.69
CA CYS A 685 17.42 10.21 18.92
C CYS A 685 16.41 10.65 19.97
N ARG A 686 15.43 11.45 19.53
CA ARG A 686 14.40 11.95 20.44
C ARG A 686 13.63 10.80 21.09
N ALA A 687 13.39 9.74 20.33
CA ALA A 687 12.67 8.58 20.83
C ALA A 687 13.44 7.90 21.97
N PHE A 688 14.76 7.76 21.79
CA PHE A 688 15.60 7.13 22.80
C PHE A 688 15.78 8.01 24.03
N VAL A 689 16.02 9.30 23.79
CA VAL A 689 16.25 10.25 24.88
C VAL A 689 15.06 10.28 25.84
N LEU A 690 13.86 10.38 25.27
CA LEU A 690 12.65 10.52 26.08
C LEU A 690 12.17 9.18 26.65
N ARG A 691 12.81 8.09 26.21
CA ARG A 691 12.57 6.78 26.81
C ARG A 691 13.43 6.62 28.06
N ALA A 692 14.66 7.10 27.97
CA ALA A 692 15.61 7.00 29.07
C ALA A 692 15.34 8.06 30.13
N ASP A 693 14.97 9.26 29.68
CA ASP A 693 14.72 10.40 30.56
C ASP A 693 13.39 11.07 30.22
N PRO A 694 12.28 10.46 30.66
CA PRO A 694 10.94 11.02 30.46
C PRO A 694 10.82 12.49 30.89
N ALA A 695 11.51 12.87 31.96
CA ALA A 695 11.42 14.22 32.50
C ALA A 695 11.90 15.28 31.50
N HIS A 696 12.60 14.84 30.47
CA HIS A 696 13.10 15.74 29.44
C HIS A 696 11.95 16.44 28.70
N ILE A 697 10.76 15.86 28.78
CA ILE A 697 9.59 16.40 28.09
C ILE A 697 9.28 17.84 28.52
N GLU A 698 9.61 18.16 29.77
CA GLU A 698 9.31 19.47 30.32
C GLU A 698 10.26 20.51 29.75
N THR A 699 11.48 20.09 29.43
CA THR A 699 12.44 20.97 28.79
C THR A 699 12.02 21.24 27.35
N VAL A 700 11.48 20.22 26.69
CA VAL A 700 11.00 20.37 25.33
C VAL A 700 9.77 21.27 25.29
N ALA A 701 8.84 21.04 26.21
CA ALA A 701 7.63 21.83 26.31
C ALA A 701 7.94 23.31 26.53
N GLU A 702 9.01 23.58 27.28
CA GLU A 702 9.41 24.95 27.58
C GLU A 702 9.71 25.75 26.33
N LYS A 703 10.38 25.12 25.37
CA LYS A 703 10.74 25.76 24.11
C LYS A 703 10.11 25.04 22.93
N TYR A 704 8.84 24.66 23.07
CA TYR A 704 8.14 23.93 22.03
C TYR A 704 8.08 24.74 20.74
N GLY A 705 7.73 26.02 20.88
CA GLY A 705 7.62 26.90 19.73
C GLY A 705 8.91 26.98 18.94
N GLU A 706 10.02 27.20 19.64
CA GLU A 706 11.33 27.29 19.00
C GLU A 706 11.65 26.00 18.25
N ALA A 708 9.27 23.65 17.23
CA ALA A 708 8.23 23.35 16.24
C ALA A 708 8.42 24.17 14.97
N GLN A 709 9.46 23.85 14.21
CA GLN A 709 9.78 24.58 12.99
C GLN A 709 9.14 23.95 11.76
N ASN A 710 8.73 22.70 11.88
CA ASN A 710 7.90 22.05 10.88
C ASN A 710 7.18 20.85 11.49
N THR A 712 7.47 17.71 10.82
CA THR A 712 8.37 16.58 11.05
C THR A 712 8.90 16.65 12.47
N HIS A 713 9.21 17.86 12.93
CA HIS A 713 9.70 18.06 14.28
C HIS A 713 8.58 17.85 15.30
N GLU A 714 7.42 18.48 15.06
CA GLU A 714 6.29 18.34 15.97
C GLU A 714 5.88 16.88 16.10
N TRP A 715 5.73 16.20 14.96
CA TRP A 715 5.35 14.79 14.99
C TRP A 715 6.42 13.96 15.69
N GLY A 716 7.67 14.22 15.35
CA GLY A 716 8.80 13.49 15.93
C GLY A 716 8.80 13.52 17.45
N ILE A 717 8.52 14.68 18.02
CA ILE A 717 8.56 14.84 19.47
C ILE A 717 7.30 14.30 20.13
N LEU A 718 6.14 14.54 19.52
CA LEU A 718 4.89 14.03 20.07
C LEU A 718 4.87 12.51 20.03
N SER A 719 5.49 11.93 19.00
CA SER A 719 5.63 10.48 18.93
C SER A 719 6.54 9.96 20.05
N ALA A 720 7.64 10.67 20.26
CA ALA A 720 8.63 10.27 21.26
C ALA A 720 8.07 10.28 22.68
N VAL A 721 7.14 11.19 22.95
CA VAL A 721 6.56 11.32 24.28
C VAL A 721 5.20 10.65 24.40
N ASN A 722 4.70 10.09 23.30
CA ASN A 722 3.34 9.58 23.25
C ASN A 722 3.07 8.51 24.30
N GLY A 723 4.12 7.80 24.70
CA GLY A 723 4.02 6.76 25.72
C GLY A 723 4.23 7.29 27.14
N ASN A 724 4.75 8.52 27.24
CA ASN A 724 5.03 9.15 28.52
C ASN A 724 3.76 9.24 29.39
N GLU A 725 3.87 8.79 30.63
CA GLU A 725 2.74 8.82 31.56
C GLU A 725 2.56 10.19 32.20
N SER A 726 3.35 11.17 31.76
CA SER A 726 3.25 12.53 32.30
C SER A 726 2.00 13.24 31.82
N ASP A 727 1.51 14.18 32.64
CA ASP A 727 0.36 14.98 32.27
C ASP A 727 0.70 15.86 31.07
N THR A 728 1.98 16.20 30.93
CA THR A 728 2.45 17.05 29.86
C THR A 728 2.24 16.43 28.49
N ARG A 729 2.29 15.10 28.42
CA ARG A 729 1.99 14.40 27.17
C ARG A 729 0.60 14.75 26.71
N ASN A 730 -0.35 14.63 27.63
CA ASN A 730 -1.76 14.91 27.33
C ASN A 730 -1.97 16.38 26.96
N ARG A 731 -1.22 17.27 27.59
CA ARG A 731 -1.38 18.69 27.35
C ARG A 731 -0.85 19.07 25.96
N LEU A 732 0.31 18.52 25.60
CA LEU A 732 0.91 18.79 24.30
C LEU A 732 0.01 18.29 23.17
N LEU A 733 -0.59 17.11 23.38
CA LEU A 733 -1.53 16.57 22.42
C LEU A 733 -2.75 17.46 22.29
N ALA A 734 -3.23 17.99 23.41
CA ALA A 734 -4.38 18.88 23.41
C ALA A 734 -4.06 20.19 22.70
N GLN A 735 -2.87 20.73 22.96
CA GLN A 735 -2.43 21.94 22.28
C GLN A 735 -2.27 21.67 20.79
N PHE A 736 -1.78 20.49 20.46
CA PHE A 736 -1.59 20.08 19.06
C PHE A 736 -2.94 20.10 18.33
N ALA A 737 -3.95 19.51 18.95
CA ALA A 737 -5.29 19.46 18.37
C ALA A 737 -5.88 20.86 18.20
N ASP A 738 -5.63 21.71 19.19
CA ASP A 738 -6.15 23.08 19.17
C ASP A 738 -5.50 23.90 18.05
N LYS A 739 -4.19 23.72 17.89
CA LYS A 739 -3.42 24.48 16.92
C LYS A 739 -3.80 24.13 15.48
N PHE A 740 -4.05 22.85 15.22
CA PHE A 740 -4.32 22.37 13.87
C PHE A 740 -5.75 21.84 13.73
N SER A 741 -6.66 22.35 14.55
CA SER A 741 -8.04 21.89 14.56
C SER A 741 -8.69 22.01 13.18
N ASP A 742 -8.24 22.98 12.39
CA ASP A 742 -8.84 23.26 11.10
C ASP A 742 -8.25 22.43 9.95
N ASP A 743 -7.18 21.69 10.25
CA ASP A 743 -6.52 20.87 9.24
C ASP A 743 -6.84 19.40 9.47
N ALA A 744 -7.69 18.84 8.61
CA ALA A 744 -8.18 17.47 8.76
C ALA A 744 -7.06 16.44 8.76
N LEU A 745 -6.06 16.66 7.91
CA LEU A 745 -4.95 15.71 7.79
C LEU A 745 -4.06 15.71 9.02
N VAL A 746 -3.96 16.85 9.70
CA VAL A 746 -3.17 16.91 10.93
C VAL A 746 -3.95 16.29 12.08
N ASP A 748 -5.74 13.77 11.77
CA ASP A 748 -5.49 12.34 11.61
C ASP A 748 -4.28 11.93 12.45
N LYS A 749 -3.26 12.78 12.46
CA LYS A 749 -2.05 12.51 13.24
C LYS A 749 -2.37 12.49 14.72
N TYR A 750 -3.20 13.44 15.15
CA TYR A 750 -3.63 13.52 16.55
C TYR A 750 -4.30 12.24 16.99
N PHE A 751 -5.26 11.77 16.19
CA PHE A 751 -6.01 10.57 16.55
C PHE A 751 -5.13 9.33 16.48
N ALA A 752 -4.11 9.36 15.63
CA ALA A 752 -3.14 8.28 15.55
C ALA A 752 -2.34 8.19 16.85
N LEU A 753 -1.94 9.35 17.37
CA LEU A 753 -1.18 9.39 18.61
C LEU A 753 -2.02 8.90 19.79
N VAL A 754 -3.30 9.27 19.79
CA VAL A 754 -4.21 8.83 20.85
C VAL A 754 -4.35 7.31 20.84
N GLY A 755 -4.54 6.75 19.64
CA GLY A 755 -4.79 5.34 19.50
C GLY A 755 -3.56 4.45 19.67
N SER A 756 -2.37 5.00 19.42
CA SER A 756 -1.16 4.18 19.39
C SER A 756 -0.34 4.25 20.68
N SER A 757 -0.81 5.02 21.66
CA SER A 757 -0.04 5.24 22.88
C SER A 757 0.11 3.98 23.74
N ARG A 758 1.31 3.80 24.28
CA ARG A 758 1.54 2.66 25.16
CA ARG A 758 1.68 2.72 25.19
C ARG A 758 1.13 2.98 26.60
N ARG A 759 0.66 4.21 26.83
CA ARG A 759 0.13 4.62 28.14
C ARG A 759 -0.93 3.64 28.63
N SER A 760 -1.10 3.56 29.95
CA SER A 760 -2.02 2.59 30.53
C SER A 760 -3.48 2.90 30.22
N ASP A 761 -3.79 4.18 30.05
CA ASP A 761 -5.18 4.63 29.93
C ASP A 761 -5.63 4.87 28.49
N THR A 762 -4.94 4.25 27.54
CA THR A 762 -5.20 4.49 26.12
C THR A 762 -6.62 4.15 25.70
N LEU A 763 -7.17 3.05 26.21
CA LEU A 763 -8.50 2.61 25.80
C LEU A 763 -9.56 3.68 26.07
N GLN A 764 -9.51 4.31 27.24
CA GLN A 764 -10.50 5.31 27.59
C GLN A 764 -10.25 6.62 26.86
N GLN A 765 -8.99 6.93 26.58
CA GLN A 765 -8.67 8.12 25.80
C GLN A 765 -9.19 7.96 24.37
N VAL A 766 -9.08 6.75 23.84
CA VAL A 766 -9.60 6.44 22.52
C VAL A 766 -11.12 6.58 22.46
N ARG A 767 -11.80 6.09 23.49
CA ARG A 767 -13.25 6.15 23.54
C ARG A 767 -13.73 7.60 23.65
N THR A 768 -12.93 8.43 24.28
CA THR A 768 -13.22 9.86 24.33
C THR A 768 -13.02 10.48 22.95
N ALA A 769 -11.97 10.05 22.27
CA ALA A 769 -11.64 10.56 20.93
C ALA A 769 -12.75 10.26 19.92
N LEU A 770 -13.48 9.17 20.17
CA LEU A 770 -14.61 8.81 19.31
C LEU A 770 -15.65 9.92 19.24
N GLN A 771 -15.71 10.72 20.31
CA GLN A 771 -16.70 11.79 20.42
C GLN A 771 -16.07 13.17 20.24
N HIS A 772 -14.82 13.20 19.78
CA HIS A 772 -14.18 14.47 19.46
C HIS A 772 -14.92 15.10 18.28
N PRO A 773 -15.19 16.41 18.33
CA PRO A 773 -16.00 17.03 17.27
C PRO A 773 -15.38 16.93 15.88
N LYS A 774 -14.06 16.71 15.82
CA LYS A 774 -13.37 16.59 14.54
C LYS A 774 -13.23 15.14 14.09
N PHE A 775 -13.73 14.22 14.90
CA PHE A 775 -13.70 12.80 14.54
C PHE A 775 -14.99 12.39 13.85
N SER A 776 -14.87 11.57 12.82
CA SER A 776 -16.02 10.97 12.15
C SER A 776 -15.71 9.53 11.79
N LEU A 777 -16.49 8.61 12.35
CA LEU A 777 -16.28 7.19 12.12
C LEU A 777 -16.52 6.86 10.65
N GLU A 778 -17.36 7.66 10.01
CA GLU A 778 -17.71 7.45 8.61
C GLU A 778 -16.64 7.97 7.65
N ASN A 779 -15.58 8.56 8.20
CA ASN A 779 -14.44 9.00 7.40
C ASN A 779 -13.30 8.00 7.52
N PRO A 780 -12.98 7.29 6.42
CA PRO A 780 -11.94 6.24 6.46
C PRO A 780 -10.60 6.68 7.06
N ASN A 781 -10.15 7.90 6.75
CA ASN A 781 -8.89 8.38 7.30
C ASN A 781 -8.92 8.44 8.82
N LYS A 782 -10.01 8.98 9.36
CA LYS A 782 -10.17 9.10 10.80
C LYS A 782 -10.30 7.71 11.46
N ALA A 783 -11.12 6.85 10.85
CA ALA A 783 -11.33 5.50 11.38
C ALA A 783 -10.01 4.75 11.47
N ARG A 784 -9.22 4.81 10.40
CA ARG A 784 -7.92 4.16 10.38
C ARG A 784 -6.97 4.77 11.41
N SER A 785 -6.98 6.10 11.48
CA SER A 785 -6.08 6.82 12.39
C SER A 785 -6.31 6.42 13.84
N LEU A 786 -7.55 6.48 14.30
CA LEU A 786 -7.87 6.19 15.69
C LEU A 786 -8.02 4.69 15.95
N ILE A 787 -8.97 4.07 15.26
CA ILE A 787 -9.31 2.67 15.53
C ILE A 787 -8.26 1.73 14.97
N GLY A 788 -7.80 2.00 13.76
CA GLY A 788 -6.78 1.19 13.13
C GLY A 788 -5.52 1.16 13.98
N SER A 789 -5.10 2.33 14.44
CA SER A 789 -3.90 2.44 15.27
C SER A 789 -4.05 1.62 16.55
N PHE A 790 -5.24 1.69 17.16
CA PHE A 790 -5.48 0.98 18.41
C PHE A 790 -5.41 -0.53 18.18
N SER A 791 -5.94 -0.97 17.05
CA SER A 791 -5.97 -2.39 16.73
C SER A 791 -4.56 -2.95 16.57
N ARG A 792 -3.60 -2.07 16.28
CA ARG A 792 -2.21 -2.45 16.14
C ARG A 792 -1.39 -2.09 17.38
N ASN A 793 -2.06 -1.57 18.40
CA ASN A 793 -1.42 -1.25 19.67
C ASN A 793 -1.30 -2.50 20.54
N VAL A 794 -0.15 -3.16 20.45
CA VAL A 794 0.03 -4.52 20.99
C VAL A 794 -0.42 -4.67 22.45
N PRO A 795 0.13 -3.85 23.37
CA PRO A 795 -0.23 -4.05 24.78
C PRO A 795 -1.72 -3.81 25.08
N HIS A 796 -2.40 -3.06 24.23
CA HIS A 796 -3.80 -2.71 24.47
C HIS A 796 -4.78 -3.55 23.67
N PHE A 797 -4.47 -3.79 22.40
CA PHE A 797 -5.31 -4.66 21.58
C PHE A 797 -5.30 -6.08 22.14
N HIS A 798 -4.12 -6.54 22.56
CA HIS A 798 -3.96 -7.89 23.10
C HIS A 798 -4.00 -7.90 24.63
N ALA A 799 -4.69 -6.92 25.22
CA ALA A 799 -4.86 -6.87 26.67
C ALA A 799 -5.44 -8.19 27.17
N GLU A 800 -4.93 -8.67 28.30
CA GLU A 800 -5.29 -9.98 28.82
C GLU A 800 -6.78 -10.09 29.14
N ASP A 801 -7.38 -8.98 29.56
CA ASP A 801 -8.79 -8.99 29.95
C ASP A 801 -9.71 -9.03 28.73
N GLY A 802 -9.13 -8.88 27.55
CA GLY A 802 -9.90 -8.97 26.30
C GLY A 802 -10.61 -7.69 25.91
N SER A 803 -10.32 -6.61 26.62
CA SER A 803 -10.99 -5.33 26.37
C SER A 803 -10.68 -4.80 24.98
N GLY A 804 -9.45 -5.04 24.53
CA GLY A 804 -9.04 -4.63 23.20
C GLY A 804 -9.81 -5.37 22.13
N TYR A 805 -9.93 -6.69 22.31
CA TYR A 805 -10.62 -7.53 21.34
C TYR A 805 -12.09 -7.13 21.22
N ARG A 806 -12.75 -6.92 22.35
CA ARG A 806 -14.17 -6.58 22.38
C ARG A 806 -14.41 -5.21 21.75
N PHE A 807 -13.52 -4.26 22.03
CA PHE A 807 -13.65 -2.91 21.48
C PHE A 807 -13.59 -2.94 19.95
N ILE A 808 -12.53 -3.53 19.41
CA ILE A 808 -12.35 -3.61 17.97
C ILE A 808 -13.50 -4.35 17.31
N ALA A 809 -13.96 -5.43 17.94
CA ALA A 809 -15.05 -6.22 17.40
C ALA A 809 -16.32 -5.39 17.29
N ASP A 810 -16.57 -4.56 18.31
CA ASP A 810 -17.71 -3.66 18.28
C ASP A 810 -17.62 -2.70 17.10
N LYS A 811 -16.41 -2.20 16.84
CA LYS A 811 -16.22 -1.21 15.78
C LYS A 811 -16.30 -1.84 14.40
N VAL A 812 -15.84 -3.08 14.27
CA VAL A 812 -16.00 -3.82 13.02
C VAL A 812 -17.49 -3.94 12.71
N ILE A 813 -18.27 -4.33 13.71
CA ILE A 813 -19.71 -4.45 13.57
C ILE A 813 -20.35 -3.12 13.21
N GLU A 814 -19.93 -2.07 13.90
CA GLU A 814 -20.50 -0.74 13.70
C GLU A 814 -20.17 -0.17 12.32
N ILE A 815 -18.91 -0.25 11.93
CA ILE A 815 -18.46 0.30 10.66
C ILE A 815 -19.03 -0.48 9.47
N ASP A 816 -19.18 -1.79 9.63
CA ASP A 816 -19.65 -2.64 8.53
C ASP A 816 -21.06 -2.27 8.09
N ARG A 817 -21.78 -1.54 8.92
CA ARG A 817 -23.14 -1.13 8.60
C ARG A 817 -23.18 -0.08 7.47
N PHE A 818 -22.06 0.61 7.23
CA PHE A 818 -22.01 1.63 6.19
C PHE A 818 -20.78 1.54 5.28
N ASN A 819 -19.71 0.93 5.76
CA ASN A 819 -18.49 0.79 4.96
C ASN A 819 -17.78 -0.54 5.18
N PRO A 820 -18.26 -1.60 4.50
CA PRO A 820 -17.69 -2.94 4.62
C PRO A 820 -16.18 -3.00 4.37
N GLN A 821 -15.67 -2.13 3.51
CA GLN A 821 -14.26 -2.15 3.12
C GLN A 821 -13.34 -1.77 4.28
N VAL A 822 -13.72 -0.72 5.00
CA VAL A 822 -12.97 -0.29 6.18
C VAL A 822 -13.04 -1.38 7.25
N ALA A 823 -14.23 -1.96 7.40
CA ALA A 823 -14.48 -2.98 8.41
C ALA A 823 -13.74 -4.27 8.10
N ALA A 824 -13.68 -4.62 6.82
CA ALA A 824 -13.02 -5.87 6.39
C ALA A 824 -11.51 -5.76 6.56
N ARG A 825 -10.99 -4.54 6.48
CA ARG A 825 -9.58 -4.29 6.75
C ARG A 825 -9.30 -4.34 8.24
N LEU A 826 -10.20 -3.75 9.02
CA LEU A 826 -10.05 -3.67 10.46
C LEU A 826 -10.10 -5.05 11.11
N VAL A 827 -11.02 -5.89 10.65
CA VAL A 827 -11.25 -7.19 11.27
C VAL A 827 -10.03 -8.10 11.12
N GLN A 828 -9.15 -7.77 10.19
CA GLN A 828 -7.92 -8.55 9.98
C GLN A 828 -6.90 -8.30 11.09
N ALA A 829 -7.25 -7.43 12.04
CA ALA A 829 -6.45 -7.29 13.25
C ALA A 829 -6.49 -8.59 14.06
N PHE A 830 -7.46 -9.45 13.75
CA PHE A 830 -7.61 -10.73 14.43
C PHE A 830 -6.93 -11.88 13.72
N ASN A 831 -6.17 -11.59 12.66
CA ASN A 831 -5.57 -12.63 11.84
C ASN A 831 -4.63 -13.56 12.61
N LEU A 832 -4.09 -13.09 13.72
CA LEU A 832 -3.16 -13.86 14.53
C LEU A 832 -3.87 -14.89 15.41
N CYS A 833 -5.21 -14.86 15.38
CA CYS A 833 -6.07 -15.69 16.23
C CYS A 833 -5.54 -17.08 16.59
N ASN A 834 -5.32 -17.91 15.57
CA ASN A 834 -5.00 -19.32 15.79
C ASN A 834 -3.57 -19.58 16.27
N LYS A 835 -2.75 -18.53 16.28
CA LYS A 835 -1.36 -18.64 16.71
C LYS A 835 -1.16 -18.06 18.12
N LEU A 836 -2.25 -17.60 18.73
CA LEU A 836 -2.19 -17.03 20.08
C LEU A 836 -2.25 -18.12 21.16
N GLU A 837 -1.74 -17.79 22.34
CA GLU A 837 -1.85 -18.68 23.48
C GLU A 837 -3.33 -18.86 23.85
N PRO A 838 -3.67 -19.97 24.52
CA PRO A 838 -5.07 -20.42 24.68
C PRO A 838 -6.05 -19.36 25.17
N HIS A 839 -5.65 -18.57 26.16
CA HIS A 839 -6.56 -17.60 26.77
C HIS A 839 -7.00 -16.54 25.76
N ARG A 840 -6.03 -15.91 25.10
CA ARG A 840 -6.32 -14.87 24.12
C ARG A 840 -7.01 -15.42 22.88
N LYS A 841 -6.59 -16.60 22.44
CA LYS A 841 -7.20 -17.22 21.27
C LYS A 841 -8.70 -17.44 21.50
N ASN A 842 -9.03 -17.85 22.72
CA ASN A 842 -10.43 -18.06 23.08
C ASN A 842 -11.24 -16.77 22.95
N LEU A 843 -10.68 -15.68 23.47
CA LEU A 843 -11.37 -14.40 23.45
C LEU A 843 -11.50 -13.86 22.03
N VAL A 844 -10.47 -14.06 21.21
CA VAL A 844 -10.52 -13.63 19.82
C VAL A 844 -11.58 -14.42 19.07
N LYS A 845 -11.68 -15.71 19.35
CA LYS A 845 -12.66 -16.55 18.68
C LYS A 845 -14.08 -16.15 19.06
N GLN A 846 -14.27 -15.73 20.31
CA GLN A 846 -15.58 -15.25 20.77
C GLN A 846 -15.97 -13.98 20.01
N ALA A 847 -14.98 -13.11 19.79
CA ALA A 847 -15.21 -11.86 19.10
C ALA A 847 -15.58 -12.09 17.63
N LEU A 848 -14.86 -13.00 16.98
CA LEU A 848 -15.13 -13.31 15.58
C LEU A 848 -16.49 -13.99 15.41
N GLN A 849 -16.85 -14.83 16.39
CA GLN A 849 -18.15 -15.49 16.37
C GLN A 849 -19.26 -14.47 16.56
N ARG A 850 -18.99 -13.44 17.35
CA ARG A 850 -19.98 -12.39 17.60
C ARG A 850 -20.15 -11.53 16.35
N ILE A 851 -19.05 -11.25 15.66
CA ILE A 851 -19.11 -10.53 14.40
C ILE A 851 -19.88 -11.37 13.37
N ARG A 852 -19.66 -12.68 13.41
CA ARG A 852 -20.30 -13.60 12.49
C ARG A 852 -21.82 -13.68 12.73
N ALA A 853 -22.22 -13.52 13.98
CA ALA A 853 -23.63 -13.65 14.34
C ALA A 853 -24.46 -12.44 13.89
N GLN A 854 -23.78 -11.39 13.45
CA GLN A 854 -24.47 -10.17 13.02
C GLN A 854 -25.29 -10.41 11.75
N GLU A 855 -26.58 -10.11 11.83
CA GLU A 855 -27.44 -10.16 10.65
C GLU A 855 -27.02 -9.07 9.67
N GLY A 856 -27.03 -9.41 8.38
CA GLY A 856 -26.69 -8.45 7.35
C GLY A 856 -25.21 -8.14 7.28
N LEU A 857 -24.38 -8.95 7.91
CA LEU A 857 -22.94 -8.79 7.85
C LEU A 857 -22.48 -8.85 6.40
N SER A 858 -21.59 -7.92 6.03
CA SER A 858 -21.14 -7.81 4.65
C SER A 858 -20.41 -9.06 4.17
N LYS A 859 -20.44 -9.28 2.86
CA LYS A 859 -19.65 -10.32 2.23
C LYS A 859 -18.17 -10.06 2.48
N ASP A 860 -17.80 -8.78 2.52
CA ASP A 860 -16.41 -8.37 2.75
C ASP A 860 -15.87 -8.95 4.05
N VAL A 861 -16.51 -8.61 5.16
CA VAL A 861 -16.06 -9.04 6.48
C VAL A 861 -16.28 -10.54 6.65
N GLY A 862 -17.43 -11.02 6.19
CA GLY A 862 -17.75 -12.43 6.26
C GLY A 862 -16.67 -13.33 5.67
N GLU A 863 -16.10 -12.91 4.54
CA GLU A 863 -15.06 -13.70 3.88
C GLU A 863 -13.82 -13.81 4.79
N ILE A 864 -13.42 -12.69 5.37
CA ILE A 864 -12.24 -12.67 6.23
C ILE A 864 -12.47 -13.51 7.49
N VAL A 865 -13.62 -13.31 8.14
CA VAL A 865 -13.94 -14.04 9.35
C VAL A 865 -13.93 -15.54 9.10
N GLY A 866 -14.43 -15.95 7.94
CA GLY A 866 -14.43 -17.34 7.56
C GLY A 866 -13.03 -17.91 7.47
N LYS A 867 -12.12 -17.13 6.88
CA LYS A 867 -10.74 -17.56 6.71
C LYS A 867 -10.07 -17.81 8.06
N ILE A 868 -10.43 -17.00 9.05
CA ILE A 868 -9.83 -17.11 10.38
C ILE A 868 -10.47 -18.25 11.17
N LEU A 869 -11.80 -18.29 11.23
CA LEU A 869 -12.51 -19.27 12.06
C LEU A 869 -12.57 -20.67 11.45
N ASP A 870 -12.91 -20.75 10.17
CA ASP A 870 -13.18 -22.04 9.54
C ASP A 870 -11.93 -22.64 8.90
#